data_9DEK
#
_entry.id   9DEK
#
_cell.length_a   68.183
_cell.length_b   62.723
_cell.length_c   84.314
_cell.angle_alpha   90.00
_cell.angle_beta   95.30
_cell.angle_gamma   90.00
#
_symmetry.space_group_name_H-M   'P 1 21 1'
#
loop_
_entity.id
_entity.type
_entity.pdbx_description
1 polymer 'Ubiquitin carboxyl-terminal hydrolase 7'
2 polymer 'Macrocycle peptide  MC02'
3 non-polymer GLYCEROL
4 water water
#
loop_
_entity_poly.entity_id
_entity_poly.type
_entity_poly.pdbx_seq_one_letter_code
_entity_poly.pdbx_strand_id
1 'polypeptide(L)'
;MGSSHHHHHHSSGLVPRGSHMKKHTGYVGLKNQGATCYMNSLLQTLFFTNQLRKAVYMMPTEGDDSSKSVPLALQRVFYE
LQHSDKPVGTKKLTKSFGWETLDSFMQHDVQELCRVLLDNVENKMKGTCVEGTIPKLFRGKMVSYIQCKEVDYRSDRRED
YYDIQLSIKGKKNIFESFVDYVAVEQLDGDNKYDAGEHGLQEAEKGVKFLTLPPVLHLQLMRFMYDPQTDQNIKINDRFE
FPEQLPLDEFLQKTDPKDPANYILHAVLVHSGDNHGGHYVVYLNPKGDGKWCKFDDDVVSRCTKEEAIEHNYGGHDDDLS
VRHCTNAYMLVYIRESKLSEVLQAVTDHDIPQQLVERLQEEKRIEAQK
;
A,B
2 'polypeptide(L)' (ACE)FVT(KCJ)(SAR)YL(DI8)VS(KCJ)RRCG C,D
#
# COMPACT_ATOMS: atom_id res chain seq x y z
N THR A 25 3.11 7.51 19.59
CA THR A 25 2.23 7.90 18.45
C THR A 25 2.86 7.40 17.14
N GLY A 26 4.12 7.78 16.85
CA GLY A 26 4.77 7.39 15.59
C GLY A 26 4.38 8.32 14.44
N TYR A 27 3.77 9.46 14.75
CA TYR A 27 3.31 10.39 13.72
C TYR A 27 3.86 11.78 14.02
N VAL A 28 4.08 12.56 12.98
CA VAL A 28 4.67 13.88 13.16
C VAL A 28 3.66 14.95 12.80
N GLY A 29 3.83 16.12 13.41
CA GLY A 29 2.89 17.21 13.28
C GLY A 29 3.26 18.17 12.17
N LEU A 30 2.50 19.25 12.10
CA LEU A 30 2.71 20.33 11.16
C LEU A 30 3.04 21.58 11.97
N LYS A 31 3.89 22.42 11.44
CA LYS A 31 4.20 23.68 12.12
C LYS A 31 2.99 24.62 12.15
N ASN A 32 2.89 25.43 13.18
CA ASN A 32 1.88 26.53 13.18
C ASN A 32 2.66 27.75 12.74
N GLY A 34 1.71 30.64 10.37
CA GLY A 34 0.78 31.65 9.82
C GLY A 34 -0.64 31.50 10.32
N ALA A 35 -1.58 32.16 9.64
CA ALA A 35 -3.00 32.09 10.01
C ALA A 35 -3.68 31.17 9.01
N THR A 36 -3.26 29.92 9.00
CA THR A 36 -3.78 28.94 8.05
C THR A 36 -4.90 28.09 8.65
N CYS A 37 -5.35 28.39 9.86
CA CYS A 37 -6.63 27.88 10.38
C CYS A 37 -6.80 26.37 10.23
N TYR A 38 -7.83 25.95 9.49
CA TYR A 38 -8.19 24.54 9.33
C TYR A 38 -7.25 23.76 8.39
N MET A 39 -6.22 24.37 7.80
CA MET A 39 -5.45 23.65 6.78
C MET A 39 -4.70 22.44 7.35
N ASN A 40 -3.94 22.65 8.43
CA ASN A 40 -3.16 21.53 8.97
C ASN A 40 -4.06 20.36 9.29
N SER A 41 -5.24 20.63 9.85
CA SER A 41 -6.21 19.59 10.17
C SER A 41 -6.57 18.80 8.93
N LEU A 42 -6.86 19.50 7.84
CA LEU A 42 -7.25 18.86 6.60
C LEU A 42 -6.08 18.11 5.99
N LEU A 43 -4.89 18.69 6.07
CA LEU A 43 -3.70 18.04 5.51
C LEU A 43 -3.42 16.71 6.18
N GLN A 44 -3.49 16.65 7.52
CA GLN A 44 -3.32 15.35 8.18
C GLN A 44 -4.40 14.37 7.74
N THR A 45 -5.63 14.87 7.63
CA THR A 45 -6.77 14.04 7.25
C THR A 45 -6.51 13.36 5.91
N LEU A 46 -6.00 14.11 4.93
CA LEU A 46 -5.75 13.57 3.59
C LEU A 46 -4.52 12.67 3.58
N PHE A 47 -3.48 13.04 4.36
CA PHE A 47 -2.27 12.22 4.45
C PHE A 47 -2.59 10.80 4.89
N PHE A 48 -3.49 10.63 5.86
CA PHE A 48 -3.85 9.34 6.40
C PHE A 48 -4.95 8.66 5.59
N THR A 49 -5.32 9.24 4.44
CA THR A 49 -6.08 8.55 3.41
C THR A 49 -5.06 7.85 2.52
N ASN A 50 -4.58 6.70 3.01
CA ASN A 50 -3.33 6.12 2.50
C ASN A 50 -3.38 5.95 0.99
N GLN A 51 -4.51 5.48 0.49
CA GLN A 51 -4.65 5.25 -0.94
C GLN A 51 -4.51 6.54 -1.73
N LEU A 52 -5.03 7.66 -1.19
CA LEU A 52 -4.80 8.94 -1.86
C LEU A 52 -3.35 9.36 -1.77
N ARG A 53 -2.74 9.22 -0.59
CA ARG A 53 -1.34 9.57 -0.41
C ARG A 53 -0.48 8.89 -1.46
N LYS A 54 -0.66 7.57 -1.60
CA LYS A 54 0.12 6.81 -2.56
C LYS A 54 -0.10 7.30 -3.99
N ALA A 55 -1.35 7.60 -4.36
CA ALA A 55 -1.58 8.08 -5.72
C ALA A 55 -0.92 9.44 -5.92
N VAL A 56 -0.89 10.26 -4.88
CA VAL A 56 -0.23 11.55 -4.98
C VAL A 56 1.27 11.37 -5.17
N TYR A 57 1.84 10.38 -4.48
CA TYR A 57 3.23 10.01 -4.72
C TYR A 57 3.45 9.59 -6.17
N MET A 58 2.51 8.87 -6.74
N MET A 58 2.51 8.82 -6.73
CA MET A 58 2.74 8.26 -8.03
CA MET A 58 2.66 8.23 -8.06
C MET A 58 2.27 9.12 -9.19
C MET A 58 2.52 9.25 -9.16
N MET A 59 1.78 10.31 -8.88
CA MET A 59 1.47 11.33 -9.85
C MET A 59 2.77 11.89 -10.46
N PRO A 60 2.98 11.76 -11.76
CA PRO A 60 4.24 12.31 -12.29
C PRO A 60 4.24 13.82 -12.20
N THR A 61 5.36 14.34 -11.71
CA THR A 61 5.56 15.77 -11.56
C THR A 61 7.00 16.06 -11.90
N GLU A 62 7.26 17.31 -12.31
CA GLU A 62 8.65 17.73 -12.63
C GLU A 62 8.82 19.20 -12.20
N GLY A 63 9.82 19.48 -11.35
CA GLY A 63 10.08 20.85 -10.90
C GLY A 63 11.30 20.94 -9.99
N ASP A 64 11.94 22.11 -9.95
CA ASP A 64 13.12 22.31 -9.06
C ASP A 64 12.64 22.85 -7.70
N ASP A 65 11.51 23.57 -7.69
CA ASP A 65 10.94 24.05 -6.39
C ASP A 65 9.56 23.40 -6.18
N SER A 66 9.24 23.06 -4.93
CA SER A 66 7.92 22.47 -4.62
C SER A 66 6.84 23.55 -4.67
N SER A 67 7.19 24.79 -4.30
CA SER A 67 6.22 25.87 -4.30
C SER A 67 5.67 26.17 -5.68
N LYS A 68 6.21 25.54 -6.73
CA LYS A 68 5.89 25.87 -8.10
C LYS A 68 4.59 25.24 -8.58
N SER A 69 4.06 24.24 -7.86
CA SER A 69 2.71 23.78 -8.11
C SER A 69 2.17 23.05 -6.90
N VAL A 70 0.84 23.00 -6.80
CA VAL A 70 0.20 22.29 -5.73
C VAL A 70 0.51 20.81 -5.73
N PRO A 71 0.47 20.09 -6.86
CA PRO A 71 0.92 18.69 -6.87
C PRO A 71 2.33 18.48 -6.31
N LEU A 72 3.28 19.34 -6.68
CA LEU A 72 4.65 19.23 -6.18
C LEU A 72 4.68 19.47 -4.69
N ALA A 73 4.00 20.53 -4.25
CA ALA A 73 4.00 20.93 -2.84
C ALA A 73 3.34 19.88 -1.97
N LEU A 74 2.24 19.31 -2.45
CA LEU A 74 1.53 18.24 -1.70
C LEU A 74 2.42 16.99 -1.63
N GLN A 75 3.04 16.61 -2.75
CA GLN A 75 3.97 15.49 -2.73
C GLN A 75 5.00 15.70 -1.65
N ARG A 76 5.54 16.91 -1.61
CA ARG A 76 6.58 17.24 -0.59
C ARG A 76 5.98 17.13 0.82
N VAL A 77 4.82 17.74 1.08
CA VAL A 77 4.29 17.73 2.44
C VAL A 77 4.08 16.29 2.91
N PHE A 78 3.40 15.49 2.09
CA PHE A 78 3.20 14.09 2.40
C PHE A 78 4.52 13.36 2.61
N TYR A 79 5.48 13.55 1.70
CA TYR A 79 6.79 12.91 1.89
C TYR A 79 7.34 13.25 3.28
N GLU A 80 7.26 14.52 3.67
CA GLU A 80 7.88 14.92 4.95
C GLU A 80 7.08 14.35 6.14
N LEU A 81 5.74 14.39 6.08
CA LEU A 81 4.94 13.80 7.13
C LEU A 81 5.30 12.34 7.33
N GLN A 82 5.63 11.65 6.25
CA GLN A 82 5.95 10.24 6.36
C GLN A 82 7.37 10.00 6.85
N HIS A 83 8.26 10.97 6.72
CA HIS A 83 9.67 10.69 6.96
C HIS A 83 10.32 11.54 8.03
N SER A 84 9.82 12.75 8.29
CA SER A 84 10.46 13.64 9.26
C SER A 84 10.13 13.20 10.68
N ASP A 85 11.06 13.53 11.58
CA ASP A 85 10.77 13.34 13.01
C ASP A 85 10.51 14.75 13.60
N LYS A 86 10.64 15.82 12.79
CA LYS A 86 10.34 17.13 13.35
C LYS A 86 9.15 17.70 12.59
N PRO A 87 8.42 18.63 13.20
CA PRO A 87 7.22 19.21 12.59
C PRO A 87 7.44 19.69 11.16
N VAL A 88 6.46 19.42 10.28
CA VAL A 88 6.62 19.66 8.84
C VAL A 88 6.10 21.05 8.49
N GLY A 89 6.88 21.80 7.67
CA GLY A 89 6.45 23.12 7.24
C GLY A 89 5.52 23.08 6.04
N THR A 90 4.74 24.15 5.89
CA THR A 90 3.79 24.23 4.78
C THR A 90 3.96 25.48 3.95
N LYS A 91 5.05 26.24 4.14
CA LYS A 91 5.17 27.55 3.43
C LYS A 91 5.01 27.37 1.92
N LYS A 92 5.67 26.36 1.35
CA LYS A 92 5.64 26.21 -0.10
C LYS A 92 4.29 25.73 -0.58
N LEU A 93 3.59 24.97 0.24
CA LEU A 93 2.25 24.58 -0.13
C LEU A 93 1.33 25.79 -0.19
N THR A 94 1.33 26.63 0.86
CA THR A 94 0.45 27.78 0.80
C THR A 94 0.86 28.76 -0.29
N LYS A 95 2.16 28.83 -0.58
CA LYS A 95 2.62 29.67 -1.71
C LYS A 95 2.07 29.10 -3.03
N SER A 96 2.03 27.77 -3.16
CA SER A 96 1.59 27.16 -4.42
C SER A 96 0.11 27.38 -4.67
N PHE A 97 -0.75 27.42 -3.65
CA PHE A 97 -2.15 27.68 -3.98
C PHE A 97 -2.62 29.08 -3.64
N GLY A 98 -1.80 29.90 -3.00
CA GLY A 98 -2.07 31.32 -2.95
C GLY A 98 -2.84 31.83 -1.74
N TRP A 99 -3.08 31.02 -0.72
CA TRP A 99 -3.81 31.49 0.45
C TRP A 99 -2.80 31.81 1.55
N GLU A 100 -2.40 33.09 1.62
CA GLU A 100 -1.32 33.53 2.50
C GLU A 100 -1.76 34.50 3.58
N THR A 101 -3.07 34.76 3.69
CA THR A 101 -3.64 35.69 4.64
C THR A 101 -4.75 34.99 5.42
N LEU A 102 -5.01 35.48 6.64
CA LEU A 102 -6.20 35.06 7.38
C LEU A 102 -7.44 35.13 6.50
N ASP A 103 -7.62 36.25 5.81
CA ASP A 103 -8.87 36.45 5.06
C ASP A 103 -9.06 35.42 3.98
N SER A 104 -7.99 34.86 3.40
CA SER A 104 -8.28 33.87 2.38
C SER A 104 -8.81 32.58 2.99
N PHE A 105 -8.45 32.26 4.24
CA PHE A 105 -9.09 31.10 4.84
C PHE A 105 -10.49 31.41 5.36
N MET A 106 -10.70 32.63 5.86
CA MET A 106 -11.99 33.00 6.45
C MET A 106 -13.09 33.11 5.39
N GLN A 107 -12.71 33.32 4.12
CA GLN A 107 -13.69 33.45 3.02
C GLN A 107 -14.11 32.08 2.47
N HIS A 108 -13.68 30.99 3.09
CA HIS A 108 -13.92 29.68 2.52
C HIS A 108 -14.36 28.71 3.61
N ASP A 109 -15.19 27.74 3.21
CA ASP A 109 -15.43 26.55 4.01
C ASP A 109 -14.32 25.53 3.77
N VAL A 110 -14.17 24.62 4.74
CA VAL A 110 -13.06 23.66 4.69
C VAL A 110 -13.12 22.82 3.42
N GLN A 111 -14.32 22.43 2.97
CA GLN A 111 -14.39 21.62 1.77
C GLN A 111 -13.97 22.40 0.52
N GLU A 112 -14.08 23.73 0.56
CA GLU A 112 -13.59 24.53 -0.60
C GLU A 112 -12.07 24.35 -0.70
N LEU A 113 -11.35 24.42 0.41
CA LEU A 113 -9.88 24.17 0.39
C LEU A 113 -9.64 22.72 -0.04
N CYS A 114 -10.38 21.77 0.54
CA CYS A 114 -10.25 20.34 0.14
C CYS A 114 -10.38 20.24 -1.39
N ARG A 115 -11.46 20.80 -1.96
CA ARG A 115 -11.67 20.79 -3.43
C ARG A 115 -10.45 21.41 -4.12
N VAL A 116 -10.07 22.64 -3.75
CA VAL A 116 -8.89 23.33 -4.37
C VAL A 116 -7.75 22.32 -4.54
N LEU A 117 -7.33 21.65 -3.45
CA LEU A 117 -6.21 20.68 -3.51
C LEU A 117 -6.61 19.44 -4.33
N LEU A 118 -7.75 18.82 -4.02
CA LEU A 118 -8.19 17.57 -4.70
C LEU A 118 -8.37 17.80 -6.21
N ASP A 119 -9.16 18.79 -6.62
CA ASP A 119 -9.45 19.04 -8.06
C ASP A 119 -8.15 19.22 -8.84
N ASN A 120 -7.25 20.09 -8.35
CA ASN A 120 -5.94 20.27 -9.03
C ASN A 120 -5.25 18.92 -9.17
N VAL A 121 -5.12 18.19 -8.07
CA VAL A 121 -4.43 16.90 -8.15
C VAL A 121 -5.17 15.93 -9.07
N GLU A 122 -6.50 15.89 -8.99
CA GLU A 122 -7.28 15.06 -9.91
C GLU A 122 -6.97 15.39 -11.37
N ASN A 123 -6.94 16.69 -11.69
CA ASN A 123 -6.68 17.14 -13.08
C ASN A 123 -5.20 16.91 -13.45
N LYS A 124 -4.31 16.84 -12.45
CA LYS A 124 -2.88 16.53 -12.75
C LYS A 124 -2.77 15.04 -13.12
N MET A 125 -3.63 14.20 -12.52
CA MET A 125 -3.62 12.74 -12.81
C MET A 125 -4.32 12.44 -14.15
N LYS A 126 -4.93 13.45 -14.79
CA LYS A 126 -5.58 13.23 -16.11
C LYS A 126 -4.60 12.60 -17.08
N GLY A 127 -4.90 11.39 -17.56
CA GLY A 127 -4.04 10.70 -18.55
C GLY A 127 -2.75 10.19 -17.96
N THR A 128 -2.76 9.76 -16.69
CA THR A 128 -1.54 9.17 -16.06
C THR A 128 -1.83 7.75 -15.59
N CYS A 129 -0.90 7.15 -14.84
CA CYS A 129 -1.08 5.77 -14.31
C CYS A 129 -2.05 5.79 -13.12
N VAL A 130 -2.16 6.94 -12.44
CA VAL A 130 -3.06 7.05 -11.25
C VAL A 130 -4.30 7.89 -11.61
N GLU A 131 -4.77 7.78 -12.86
CA GLU A 131 -5.95 8.55 -13.33
C GLU A 131 -7.22 7.98 -12.70
N GLY A 132 -8.10 8.85 -12.18
CA GLY A 132 -9.39 8.40 -11.64
C GLY A 132 -9.33 8.05 -10.16
N THR A 133 -8.18 8.15 -9.52
CA THR A 133 -8.00 7.77 -8.11
C THR A 133 -8.93 8.57 -7.21
N ILE A 134 -9.01 9.88 -7.45
CA ILE A 134 -9.79 10.81 -6.64
C ILE A 134 -11.27 10.48 -6.71
N PRO A 135 -11.90 10.40 -7.89
CA PRO A 135 -13.30 10.00 -7.87
C PRO A 135 -13.50 8.60 -7.31
N LYS A 136 -12.56 7.68 -7.55
CA LYS A 136 -12.69 6.30 -6.99
C LYS A 136 -12.84 6.37 -5.47
N LEU A 137 -12.08 7.23 -4.79
CA LEU A 137 -12.10 7.32 -3.33
C LEU A 137 -13.26 8.13 -2.77
N PHE A 138 -13.62 9.26 -3.41
CA PHE A 138 -14.47 10.26 -2.78
C PHE A 138 -15.80 10.50 -3.45
N ARG A 139 -16.00 10.05 -4.67
CA ARG A 139 -17.15 10.51 -5.41
C ARG A 139 -18.33 9.58 -5.22
N GLY A 140 -19.47 10.15 -4.85
CA GLY A 140 -20.72 9.44 -4.78
C GLY A 140 -21.74 10.04 -5.74
N LYS A 141 -22.86 9.32 -5.84
CA LYS A 141 -23.90 9.75 -6.81
C LYS A 141 -25.22 10.01 -6.09
N MET A 142 -25.84 11.15 -6.39
CA MET A 142 -27.15 11.50 -5.89
C MET A 142 -27.99 11.97 -7.06
N VAL A 143 -29.27 12.11 -6.77
CA VAL A 143 -30.21 12.61 -7.75
C VAL A 143 -31.15 13.54 -7.00
N SER A 144 -31.34 14.74 -7.53
CA SER A 144 -32.31 15.68 -7.00
C SER A 144 -33.47 15.81 -7.96
N TYR A 145 -34.62 16.16 -7.42
CA TYR A 145 -35.81 16.24 -8.24
C TYR A 145 -36.69 17.34 -7.70
N ILE A 146 -37.55 17.84 -8.58
CA ILE A 146 -38.61 18.76 -8.22
C ILE A 146 -39.82 18.32 -9.03
N GLN A 147 -40.85 17.85 -8.35
CA GLN A 147 -42.03 17.29 -8.95
C GLN A 147 -43.19 18.23 -8.70
N CYS A 148 -43.85 18.67 -9.76
CA CYS A 148 -45.01 19.54 -9.59
C CYS A 148 -46.23 18.71 -9.20
N LYS A 149 -47.07 19.24 -8.31
CA LYS A 149 -48.23 18.48 -7.85
C LYS A 149 -49.35 18.49 -8.88
N GLU A 150 -49.59 19.64 -9.51
CA GLU A 150 -50.78 19.89 -10.30
C GLU A 150 -50.55 19.91 -11.79
N VAL A 151 -49.30 19.94 -12.24
CA VAL A 151 -49.00 19.87 -13.65
C VAL A 151 -47.93 18.82 -13.87
N ASP A 152 -47.83 18.39 -15.13
CA ASP A 152 -46.88 17.37 -15.53
C ASP A 152 -45.53 18.02 -15.83
N TYR A 153 -44.83 18.35 -14.75
CA TYR A 153 -43.49 18.84 -14.90
C TYR A 153 -42.64 18.29 -13.78
N ARG A 154 -41.52 17.69 -14.16
CA ARG A 154 -40.53 17.25 -13.21
C ARG A 154 -39.17 17.66 -13.74
N SER A 155 -38.32 18.18 -12.84
CA SER A 155 -36.94 18.56 -13.21
C SER A 155 -35.95 17.62 -12.51
N ASP A 156 -35.96 16.33 -12.89
CA ASP A 156 -35.06 15.34 -12.26
C ASP A 156 -33.62 15.58 -12.73
N ARG A 157 -32.74 16.01 -11.82
CA ARG A 157 -31.33 16.31 -12.17
C ARG A 157 -30.39 15.39 -11.40
N ARG A 158 -29.63 14.54 -12.09
CA ARG A 158 -28.64 13.66 -11.43
C ARG A 158 -27.30 14.39 -11.34
N GLU A 159 -26.68 14.38 -10.16
CA GLU A 159 -25.37 15.08 -9.97
C GLU A 159 -24.41 14.23 -9.13
N ASP A 160 -23.11 14.53 -9.20
CA ASP A 160 -22.10 13.77 -8.42
C ASP A 160 -21.57 14.65 -7.27
N TYR A 161 -21.06 14.03 -6.20
CA TYR A 161 -20.55 14.79 -5.05
C TYR A 161 -19.24 14.18 -4.54
N TYR A 162 -18.44 14.97 -3.83
CA TYR A 162 -17.18 14.45 -3.22
C TYR A 162 -17.22 14.72 -1.71
N ASP A 163 -18.30 15.33 -1.20
CA ASP A 163 -18.41 15.72 0.19
C ASP A 163 -19.85 16.10 0.40
N ILE A 164 -20.29 16.12 1.65
CA ILE A 164 -21.69 16.39 1.95
C ILE A 164 -21.74 17.43 3.05
N GLN A 165 -22.52 18.49 2.84
CA GLN A 165 -22.65 19.57 3.82
C GLN A 165 -23.92 19.31 4.63
N LEU A 166 -23.73 18.96 5.90
CA LEU A 166 -24.83 18.52 6.76
C LEU A 166 -25.29 19.64 7.66
N SER A 167 -26.60 19.84 7.70
CA SER A 167 -27.20 20.82 8.57
C SER A 167 -27.24 20.27 9.99
N ILE A 168 -26.80 21.07 10.95
CA ILE A 168 -26.80 20.63 12.38
C ILE A 168 -27.80 21.46 13.20
N LYS A 169 -28.33 22.55 12.65
CA LYS A 169 -29.24 23.46 13.41
C LYS A 169 -30.56 22.75 13.73
N GLY A 170 -30.83 22.47 15.00
CA GLY A 170 -32.07 21.77 15.40
C GLY A 170 -31.92 20.26 15.32
N LYS A 171 -30.71 19.77 15.02
CA LYS A 171 -30.47 18.35 14.87
C LYS A 171 -29.65 17.91 16.07
N LYS A 172 -30.10 16.86 16.78
CA LYS A 172 -29.37 16.40 17.95
C LYS A 172 -28.23 15.47 17.59
N ASN A 173 -28.28 14.82 16.44
CA ASN A 173 -27.27 13.85 16.07
C ASN A 173 -27.24 13.76 14.56
N ILE A 174 -26.27 12.98 14.05
CA ILE A 174 -26.01 12.96 12.62
C ILE A 174 -27.11 12.23 11.86
N PHE A 175 -27.79 11.27 12.50
CA PHE A 175 -28.90 10.60 11.84
C PHE A 175 -30.00 11.60 11.49
N GLU A 176 -30.31 12.51 12.41
CA GLU A 176 -31.26 13.57 12.11
C GLU A 176 -30.76 14.51 11.01
N SER A 177 -29.45 14.74 10.94
CA SER A 177 -28.92 15.52 9.82
C SER A 177 -29.24 14.83 8.50
N PHE A 178 -28.96 13.53 8.42
CA PHE A 178 -29.24 12.80 7.19
C PHE A 178 -30.72 12.75 6.89
N VAL A 179 -31.55 12.55 7.92
CA VAL A 179 -33.00 12.57 7.71
C VAL A 179 -33.43 13.89 7.09
N ASP A 180 -32.98 15.00 7.68
CA ASP A 180 -33.30 16.31 7.14
C ASP A 180 -32.69 16.51 5.76
N TYR A 181 -31.53 15.93 5.50
CA TYR A 181 -30.90 16.05 4.18
C TYR A 181 -31.77 15.45 3.09
N VAL A 182 -32.37 14.28 3.33
CA VAL A 182 -33.16 13.62 2.29
C VAL A 182 -34.66 13.87 2.44
N ALA A 183 -35.06 14.74 3.37
CA ALA A 183 -36.46 15.05 3.57
C ALA A 183 -37.05 15.71 2.33
N VAL A 184 -38.34 15.48 2.09
CA VAL A 184 -39.01 16.14 0.98
C VAL A 184 -39.39 17.54 1.40
N GLU A 185 -38.98 18.52 0.60
CA GLU A 185 -39.30 19.91 0.90
C GLU A 185 -40.53 20.30 0.10
N GLN A 186 -41.47 20.96 0.76
CA GLN A 186 -42.69 21.43 0.10
C GLN A 186 -42.42 22.82 -0.45
N LEU A 187 -42.60 22.98 -1.75
CA LEU A 187 -42.50 24.30 -2.38
C LEU A 187 -43.93 24.81 -2.53
N ASP A 188 -44.36 25.64 -1.58
CA ASP A 188 -45.77 26.02 -1.52
C ASP A 188 -45.89 27.41 -0.90
N GLY A 189 -47.11 27.96 -0.88
CA GLY A 189 -47.30 29.34 -0.38
C GLY A 189 -46.48 30.34 -1.19
N ASP A 190 -45.45 30.92 -0.57
CA ASP A 190 -44.56 31.88 -1.29
C ASP A 190 -43.41 31.13 -1.95
N ASN A 191 -43.10 29.91 -1.47
CA ASN A 191 -42.00 29.08 -2.03
C ASN A 191 -42.48 28.32 -3.28
N LYS A 192 -43.69 28.62 -3.78
CA LYS A 192 -44.24 27.93 -4.98
C LYS A 192 -43.19 27.88 -6.09
N TYR A 193 -42.91 26.68 -6.63
CA TYR A 193 -41.89 26.51 -7.64
C TYR A 193 -42.20 27.35 -8.87
N ASP A 194 -41.19 28.06 -9.39
CA ASP A 194 -41.30 28.69 -10.70
C ASP A 194 -41.16 27.59 -11.74
N ALA A 195 -42.30 27.15 -12.29
CA ALA A 195 -42.29 26.16 -13.34
C ALA A 195 -42.38 26.78 -14.72
N GLY A 196 -41.82 27.97 -14.91
CA GLY A 196 -41.69 28.52 -16.25
C GLY A 196 -43.03 28.75 -16.94
N GLU A 197 -43.25 28.04 -18.06
CA GLU A 197 -44.50 28.23 -18.81
C GLU A 197 -45.72 27.82 -17.99
N HIS A 198 -45.55 27.05 -16.92
CA HIS A 198 -46.66 26.68 -16.03
C HIS A 198 -46.94 27.70 -14.95
N GLY A 199 -46.14 28.76 -14.87
CA GLY A 199 -46.32 29.70 -13.78
C GLY A 199 -45.83 29.09 -12.48
N LEU A 200 -46.19 29.79 -11.39
CA LEU A 200 -45.87 29.31 -10.05
C LEU A 200 -46.67 28.04 -9.75
N GLN A 201 -46.01 27.00 -9.24
CA GLN A 201 -46.69 25.71 -9.04
C GLN A 201 -46.32 25.11 -7.69
N GLU A 202 -47.28 24.52 -6.96
CA GLU A 202 -46.87 23.73 -5.81
C GLU A 202 -46.09 22.52 -6.29
N ALA A 203 -45.06 22.21 -5.56
CA ALA A 203 -44.18 21.15 -6.00
C ALA A 203 -43.50 20.54 -4.79
N GLU A 204 -42.78 19.45 -5.05
CA GLU A 204 -42.07 18.73 -3.94
C GLU A 204 -40.59 18.60 -4.29
N LYS A 205 -39.71 19.31 -3.57
CA LYS A 205 -38.24 19.21 -3.77
C LYS A 205 -37.71 18.00 -3.00
N GLY A 206 -36.50 17.53 -3.32
CA GLY A 206 -35.88 16.42 -2.58
C GLY A 206 -34.65 15.87 -3.28
N VAL A 207 -33.81 15.10 -2.57
CA VAL A 207 -32.63 14.50 -3.14
C VAL A 207 -32.55 13.08 -2.59
N LYS A 208 -32.01 12.17 -3.39
CA LYS A 208 -31.85 10.76 -3.06
C LYS A 208 -30.37 10.40 -3.20
N PHE A 209 -29.84 9.57 -2.30
CA PHE A 209 -28.51 9.02 -2.50
C PHE A 209 -28.61 7.76 -3.35
N LEU A 210 -27.84 7.70 -4.42
CA LEU A 210 -27.71 6.46 -5.17
C LEU A 210 -26.55 5.62 -4.65
N THR A 211 -25.38 6.26 -4.46
CA THR A 211 -24.22 5.60 -3.85
C THR A 211 -23.58 6.53 -2.84
N LEU A 212 -22.76 5.92 -1.97
CA LEU A 212 -21.93 6.59 -1.00
C LEU A 212 -20.48 6.18 -1.24
N PRO A 213 -19.53 7.10 -1.21
CA PRO A 213 -18.17 6.78 -1.64
C PRO A 213 -17.43 5.97 -0.57
N PRO A 214 -16.29 5.37 -0.95
CA PRO A 214 -15.45 4.70 0.05
C PRO A 214 -15.02 5.61 1.18
N VAL A 215 -14.67 6.87 0.88
CA VAL A 215 -14.26 7.85 1.87
C VAL A 215 -15.26 8.99 1.87
N LEU A 216 -15.90 9.22 3.00
CA LEU A 216 -17.05 10.10 3.13
C LEU A 216 -16.67 11.33 3.95
N HIS A 217 -16.62 12.50 3.30
CA HIS A 217 -16.35 13.77 3.95
C HIS A 217 -17.67 14.47 4.27
N LEU A 218 -17.91 14.70 5.55
CA LEU A 218 -19.14 15.33 6.02
C LEU A 218 -18.76 16.61 6.75
N GLN A 219 -19.14 17.74 6.19
CA GLN A 219 -18.99 18.99 6.92
C GLN A 219 -20.22 19.18 7.79
N LEU A 220 -19.99 19.57 9.03
CA LEU A 220 -21.05 19.92 9.95
C LEU A 220 -21.16 21.45 9.90
N MET A 221 -22.29 21.95 9.41
CA MET A 221 -22.38 23.37 9.08
C MET A 221 -22.68 24.20 10.33
N ARG A 222 -21.72 24.21 11.25
CA ARG A 222 -21.89 25.02 12.49
C ARG A 222 -21.65 26.49 12.15
N PHE A 223 -20.78 26.83 11.21
CA PHE A 223 -20.46 28.23 10.87
C PHE A 223 -21.32 28.74 9.71
N MET A 224 -22.03 29.85 9.93
CA MET A 224 -22.95 30.37 8.88
C MET A 224 -23.12 31.88 9.02
N TYR A 225 -23.31 32.57 7.90
CA TYR A 225 -23.60 34.02 7.98
C TYR A 225 -25.08 34.18 8.37
N ASP A 226 -25.36 35.02 9.37
CA ASP A 226 -26.78 35.29 9.75
C ASP A 226 -27.20 36.64 9.15
N PRO A 227 -28.05 36.66 8.11
CA PRO A 227 -28.50 37.90 7.50
C PRO A 227 -29.40 38.74 8.45
N GLN A 228 -29.98 38.11 9.47
CA GLN A 228 -30.81 38.86 10.44
C GLN A 228 -29.96 39.77 11.34
N THR A 229 -28.79 39.31 11.80
CA THR A 229 -27.88 40.09 12.69
C THR A 229 -26.68 40.67 11.93
N ASP A 230 -26.51 40.32 10.66
CA ASP A 230 -25.35 40.76 9.83
C ASP A 230 -24.04 40.37 10.51
N GLN A 231 -23.91 39.08 10.77
CA GLN A 231 -22.69 38.56 11.39
C GLN A 231 -22.45 37.12 11.00
N ASN A 232 -21.20 36.73 10.91
CA ASN A 232 -20.90 35.29 10.83
C ASN A 232 -21.10 34.82 12.27
N ILE A 233 -21.66 33.65 12.41
CA ILE A 233 -21.93 33.09 13.76
C ILE A 233 -21.50 31.63 13.81
N LYS A 234 -21.22 31.15 15.01
CA LYS A 234 -20.95 29.72 15.19
C LYS A 234 -22.04 29.13 16.07
N ILE A 235 -22.50 27.98 15.67
CA ILE A 235 -23.52 27.27 16.39
C ILE A 235 -22.80 26.22 17.22
N ASN A 236 -22.84 26.36 18.54
CA ASN A 236 -22.10 25.45 19.40
C ASN A 236 -22.97 24.37 20.03
N ASP A 237 -24.21 24.22 19.56
CA ASP A 237 -25.13 23.27 20.16
C ASP A 237 -24.57 21.86 20.11
N ARG A 238 -25.07 21.00 20.99
CA ARG A 238 -24.62 19.62 20.98
C ARG A 238 -25.13 18.90 19.75
N PHE A 239 -24.29 18.01 19.23
CA PHE A 239 -24.52 17.29 17.99
C PHE A 239 -23.68 16.01 18.06
N GLU A 240 -24.36 14.88 18.23
CA GLU A 240 -23.68 13.62 18.48
C GLU A 240 -23.46 12.85 17.17
N PHE A 241 -22.34 12.15 17.09
CA PHE A 241 -21.98 11.33 15.94
C PHE A 241 -21.32 10.05 16.48
N PRO A 242 -21.55 8.95 15.79
CA PRO A 242 -21.09 7.65 16.31
C PRO A 242 -19.78 7.19 15.71
N GLU A 243 -19.18 6.22 16.39
CA GLU A 243 -18.01 5.52 15.89
C GLU A 243 -18.33 4.75 14.61
N GLN A 244 -19.50 4.11 14.56
CA GLN A 244 -19.96 3.39 13.37
C GLN A 244 -21.26 4.03 12.91
N LEU A 245 -21.33 4.35 11.62
CA LEU A 245 -22.47 5.09 11.06
C LEU A 245 -23.14 4.23 10.01
N PRO A 246 -24.29 3.61 10.33
CA PRO A 246 -25.02 2.88 9.28
C PRO A 246 -25.78 3.86 8.41
N LEU A 247 -25.58 3.79 7.10
CA LEU A 247 -26.29 4.70 6.21
C LEU A 247 -27.17 3.99 5.21
N ASP A 248 -27.34 2.66 5.29
CA ASP A 248 -28.25 1.95 4.40
C ASP A 248 -29.62 2.61 4.31
N GLU A 249 -30.10 3.18 5.44
CA GLU A 249 -31.48 3.70 5.37
C GLU A 249 -31.61 4.92 4.47
N PHE A 250 -30.51 5.53 4.04
CA PHE A 250 -30.56 6.73 3.23
C PHE A 250 -30.29 6.47 1.76
N LEU A 251 -30.07 5.22 1.38
CA LEU A 251 -29.85 4.87 -0.01
C LEU A 251 -31.18 4.58 -0.69
N GLN A 252 -31.25 4.90 -1.98
CA GLN A 252 -32.48 4.59 -2.76
C GLN A 252 -32.60 3.07 -2.85
N LYS A 253 -31.47 2.37 -3.06
CA LYS A 253 -31.47 0.90 -3.12
C LYS A 253 -30.19 0.38 -2.45
N THR A 254 -30.31 -0.41 -1.39
CA THR A 254 -29.15 -0.94 -0.69
C THR A 254 -28.58 -2.16 -1.40
N ASP A 255 -27.30 -2.46 -1.14
CA ASP A 255 -26.64 -3.63 -1.69
C ASP A 255 -26.51 -4.68 -0.57
N PRO A 256 -27.19 -5.83 -0.68
CA PRO A 256 -27.10 -6.83 0.38
C PRO A 256 -25.68 -7.35 0.60
N LYS A 257 -24.76 -7.20 -0.37
CA LYS A 257 -23.39 -7.66 -0.21
C LYS A 257 -22.47 -6.62 0.42
N ASP A 258 -22.91 -5.36 0.56
CA ASP A 258 -22.04 -4.28 1.06
C ASP A 258 -22.92 -3.33 1.81
N PRO A 259 -23.33 -3.63 3.04
CA PRO A 259 -24.07 -2.68 3.85
C PRO A 259 -23.25 -1.40 3.99
N ALA A 260 -23.95 -0.26 3.96
CA ALA A 260 -23.29 1.05 4.01
C ALA A 260 -22.99 1.42 5.45
N ASN A 261 -21.95 0.78 5.96
N ASN A 261 -22.19 0.57 6.13
CA ASN A 261 -21.59 0.80 7.37
CA ASN A 261 -21.71 0.87 7.48
C ASN A 261 -20.24 1.50 7.49
C ASN A 261 -20.37 1.58 7.33
N TYR A 262 -20.25 2.75 7.94
CA TYR A 262 -19.10 3.63 7.84
C TYR A 262 -18.38 3.71 9.18
N ILE A 263 -17.05 3.72 9.14
CA ILE A 263 -16.23 3.73 10.35
C ILE A 263 -15.56 5.09 10.49
N LEU A 264 -15.75 5.72 11.65
CA LEU A 264 -15.24 7.06 11.88
C LEU A 264 -13.72 7.09 11.81
N HIS A 265 -13.18 7.97 10.98
CA HIS A 265 -11.74 8.07 10.79
C HIS A 265 -11.14 9.34 11.36
N ALA A 266 -11.77 10.49 11.14
CA ALA A 266 -11.22 11.77 11.56
C ALA A 266 -12.31 12.67 12.10
N VAL A 267 -11.98 13.40 13.16
CA VAL A 267 -12.85 14.41 13.74
C VAL A 267 -12.07 15.72 13.70
N LEU A 268 -12.48 16.63 12.82
CA LEU A 268 -11.87 17.94 12.73
C LEU A 268 -12.61 18.90 13.66
N VAL A 269 -11.86 19.57 14.51
CA VAL A 269 -12.39 20.23 15.69
C VAL A 269 -11.99 21.69 15.65
N HIS A 270 -12.91 22.55 16.07
CA HIS A 270 -12.63 23.96 16.26
C HIS A 270 -13.04 24.39 17.65
N SER A 271 -12.25 25.33 18.17
CA SER A 271 -12.42 25.89 19.49
C SER A 271 -12.38 27.41 19.36
N GLY A 272 -13.39 28.12 19.86
CA GLY A 272 -13.23 29.56 19.86
C GLY A 272 -14.43 30.30 19.31
N ASP A 273 -14.19 31.54 18.88
CA ASP A 273 -15.28 32.46 18.49
C ASP A 273 -14.74 33.40 17.42
N ASN A 274 -15.44 34.52 17.17
CA ASN A 274 -15.01 35.35 16.05
C ASN A 274 -13.78 36.20 16.34
N HIS A 275 -13.16 36.04 17.51
CA HIS A 275 -12.00 36.83 17.90
C HIS A 275 -10.75 36.01 18.04
N GLY A 276 -10.87 34.71 17.89
CA GLY A 276 -9.74 33.85 17.71
C GLY A 276 -10.24 32.45 17.85
N GLY A 277 -9.46 31.50 17.35
CA GLY A 277 -9.88 30.13 17.43
C GLY A 277 -8.69 29.23 17.23
N HIS A 278 -8.91 27.97 17.57
CA HIS A 278 -7.83 27.00 17.49
C HIS A 278 -8.34 25.72 16.85
N TYR A 279 -7.59 25.20 15.88
CA TYR A 279 -8.01 24.03 15.11
C TYR A 279 -7.13 22.82 15.44
N VAL A 280 -7.77 21.68 15.77
CA VAL A 280 -7.06 20.42 15.89
C VAL A 280 -7.81 19.32 15.14
N VAL A 281 -7.10 18.24 14.83
CA VAL A 281 -7.76 17.06 14.29
C VAL A 281 -7.38 15.82 15.10
N TYR A 282 -8.42 15.05 15.44
CA TYR A 282 -8.20 13.75 16.11
C TYR A 282 -8.30 12.69 15.03
N LEU A 283 -7.33 11.77 14.96
CA LEU A 283 -7.35 10.79 13.85
C LEU A 283 -6.96 9.40 14.34
N ASN A 284 -7.68 8.37 13.88
CA ASN A 284 -7.25 6.97 14.17
C ASN A 284 -6.70 6.48 12.82
N PRO A 285 -5.43 6.75 12.48
CA PRO A 285 -4.90 6.44 11.14
C PRO A 285 -5.21 5.04 10.61
N LYS A 286 -5.15 4.02 11.46
CA LYS A 286 -5.35 2.68 10.92
C LYS A 286 -6.82 2.27 10.90
N GLY A 287 -7.73 3.11 11.40
CA GLY A 287 -9.11 2.66 11.48
C GLY A 287 -9.34 1.55 12.48
N ASP A 288 -8.49 1.46 13.49
CA ASP A 288 -8.60 0.37 14.51
C ASP A 288 -9.28 0.90 15.78
N GLY A 289 -9.16 2.20 16.06
CA GLY A 289 -9.70 2.77 17.31
C GLY A 289 -8.59 3.38 18.15
N LYS A 290 -7.33 3.22 17.73
CA LYS A 290 -6.19 3.86 18.45
C LYS A 290 -6.14 5.33 18.01
N TRP A 291 -6.72 6.22 18.80
CA TRP A 291 -6.85 7.64 18.38
C TRP A 291 -5.68 8.52 18.81
N CYS A 292 -5.25 9.42 17.93
CA CYS A 292 -4.14 10.37 18.25
C CYS A 292 -4.61 11.78 17.92
N LYS A 293 -4.40 12.74 18.85
CA LYS A 293 -4.77 14.16 18.59
C LYS A 293 -3.62 14.88 17.88
N PHE A 294 -3.90 15.49 16.74
CA PHE A 294 -2.88 16.26 15.98
C PHE A 294 -3.14 17.74 16.23
N ASP A 295 -2.26 18.40 17.00
CA ASP A 295 -2.43 19.81 17.34
C ASP A 295 -1.19 20.56 16.83
N ASP A 296 -1.18 20.84 15.53
CA ASP A 296 -0.02 21.40 14.86
C ASP A 296 1.20 20.55 15.20
N ASP A 297 2.20 21.08 15.89
CA ASP A 297 3.43 20.31 16.09
C ASP A 297 3.28 19.21 17.13
N VAL A 298 2.24 19.23 17.96
CA VAL A 298 2.11 18.26 19.05
C VAL A 298 1.15 17.17 18.61
N VAL A 299 1.68 15.95 18.47
CA VAL A 299 0.87 14.78 18.17
C VAL A 299 0.93 13.85 19.37
N SER A 300 -0.23 13.45 19.89
CA SER A 300 -0.25 12.63 21.13
C SER A 300 -1.43 11.65 21.12
N ARG A 301 -1.14 10.45 21.61
CA ARG A 301 -2.19 9.42 21.74
C ARG A 301 -3.28 10.00 22.62
N CYS A 302 -4.52 9.79 22.23
CA CYS A 302 -5.56 10.18 23.21
C CYS A 302 -6.60 9.07 23.38
N THR A 303 -7.67 9.32 24.14
CA THR A 303 -8.73 8.35 24.32
C THR A 303 -9.79 8.50 23.24
N LYS A 304 -10.58 7.45 23.03
CA LYS A 304 -11.70 7.53 22.09
C LYS A 304 -12.67 8.62 22.51
N GLU A 305 -12.85 8.79 23.82
CA GLU A 305 -13.77 9.80 24.35
C GLU A 305 -13.30 11.22 24.03
N GLU A 306 -11.98 11.48 24.08
CA GLU A 306 -11.45 12.79 23.69
C GLU A 306 -11.71 13.07 22.22
N ALA A 307 -11.65 12.03 21.40
CA ALA A 307 -11.84 12.18 19.96
C ALA A 307 -13.32 12.35 19.60
N ILE A 308 -14.22 11.67 20.32
CA ILE A 308 -15.60 11.57 19.88
C ILE A 308 -16.52 12.41 20.76
N GLU A 309 -17.00 11.83 21.87
CA GLU A 309 -18.00 12.48 22.73
C GLU A 309 -17.55 13.86 23.21
N HIS A 310 -16.25 14.03 23.52
CA HIS A 310 -15.84 15.35 24.00
C HIS A 310 -15.97 16.42 22.92
N ASN A 311 -16.17 16.05 21.66
CA ASN A 311 -16.33 17.04 20.60
C ASN A 311 -17.78 17.18 20.17
N TYR A 312 -18.69 16.69 20.99
CA TYR A 312 -20.11 16.80 20.67
C TYR A 312 -20.63 18.23 20.87
N GLY A 313 -19.98 19.07 21.71
CA GLY A 313 -20.47 20.42 21.97
C GLY A 313 -21.59 20.43 22.98
N GLY A 314 -22.31 21.55 23.04
CA GLY A 314 -23.47 21.68 23.91
C GLY A 314 -23.06 22.36 25.19
N CYS A 324 -17.23 26.14 23.79
CA CYS A 324 -17.21 26.37 22.34
C CYS A 324 -16.18 25.51 21.57
N THR A 325 -15.96 24.27 22.02
CA THR A 325 -15.04 23.35 21.28
C THR A 325 -15.83 22.14 20.78
N ASN A 326 -15.92 21.96 19.46
CA ASN A 326 -16.71 20.85 18.87
C ASN A 326 -16.27 20.56 17.43
N ALA A 327 -16.73 19.44 16.86
CA ALA A 327 -16.37 19.08 15.51
C ALA A 327 -17.10 19.93 14.49
N TYR A 328 -16.43 20.25 13.38
CA TYR A 328 -17.09 20.85 12.25
C TYR A 328 -16.94 20.05 10.98
N MET A 329 -16.20 18.94 11.01
CA MET A 329 -16.08 18.05 9.86
C MET A 329 -15.67 16.67 10.36
N LEU A 330 -16.27 15.63 9.75
CA LEU A 330 -15.97 14.23 10.01
C LEU A 330 -15.57 13.54 8.73
N VAL A 331 -14.68 12.55 8.86
CA VAL A 331 -14.36 11.63 7.78
C VAL A 331 -14.73 10.22 8.24
N TYR A 332 -15.53 9.53 7.43
CA TYR A 332 -15.84 8.13 7.65
C TYR A 332 -15.32 7.33 6.47
N ILE A 333 -15.00 6.06 6.71
CA ILE A 333 -14.59 5.14 5.65
C ILE A 333 -15.51 3.93 5.67
N ARG A 334 -15.94 3.48 4.49
CA ARG A 334 -16.77 2.25 4.40
C ARG A 334 -16.03 1.08 5.05
N GLU A 335 -16.71 0.32 5.91
CA GLU A 335 -16.10 -0.85 6.60
C GLU A 335 -15.50 -1.82 5.55
N SER A 336 -16.16 -2.01 4.42
CA SER A 336 -15.69 -2.97 3.39
C SER A 336 -14.45 -2.44 2.65
N LYS A 337 -14.28 -1.12 2.54
CA LYS A 337 -13.14 -0.55 1.78
C LYS A 337 -11.99 -0.18 2.72
N LEU A 338 -12.20 -0.27 4.04
CA LEU A 338 -11.18 0.15 5.05
C LEU A 338 -9.77 -0.35 4.71
N SER A 339 -9.60 -1.65 4.43
CA SER A 339 -8.28 -2.20 4.28
C SER A 339 -7.63 -1.80 2.95
N GLU A 340 -8.41 -1.45 1.94
CA GLU A 340 -7.84 -0.92 0.71
C GLU A 340 -7.48 0.56 0.89
N VAL A 341 -8.42 1.35 1.41
CA VAL A 341 -8.20 2.78 1.61
C VAL A 341 -7.01 3.02 2.52
N LEU A 342 -6.86 2.21 3.56
CA LEU A 342 -5.84 2.40 4.57
C LEU A 342 -4.70 1.38 4.42
N GLN A 343 -4.50 0.87 3.20
CA GLN A 343 -3.38 0.00 2.89
C GLN A 343 -2.07 0.65 3.33
N ALA A 344 -1.10 -0.16 3.75
CA ALA A 344 0.17 0.44 4.17
C ALA A 344 0.82 1.13 2.98
N VAL A 345 1.49 2.25 3.26
CA VAL A 345 2.24 2.97 2.26
C VAL A 345 3.68 2.96 2.75
N THR A 346 4.53 2.18 2.09
CA THR A 346 5.91 2.01 2.48
C THR A 346 6.79 2.95 1.67
N ASP A 347 8.07 2.94 2.01
CA ASP A 347 9.07 3.63 1.20
C ASP A 347 9.08 3.15 -0.24
N HIS A 348 8.69 1.90 -0.45
CA HIS A 348 8.67 1.32 -1.78
C HIS A 348 7.59 1.91 -2.66
N ASP A 349 6.53 2.48 -2.07
CA ASP A 349 5.42 3.04 -2.84
C ASP A 349 5.66 4.48 -3.27
N ILE A 350 6.86 4.98 -3.11
CA ILE A 350 7.23 6.36 -3.51
C ILE A 350 8.15 6.23 -4.69
N PRO A 351 7.84 6.79 -5.86
CA PRO A 351 8.71 6.60 -7.04
C PRO A 351 10.11 7.19 -6.83
N GLN A 352 11.12 6.52 -7.38
N GLN A 352 11.12 6.52 -7.38
CA GLN A 352 12.53 7.01 -7.23
CA GLN A 352 12.53 7.00 -7.24
C GLN A 352 12.70 8.41 -7.81
C GLN A 352 12.71 8.41 -7.81
N GLN A 353 12.00 8.72 -8.90
CA GLN A 353 12.10 10.05 -9.54
C GLN A 353 11.67 11.15 -8.55
N LEU A 354 10.63 10.89 -7.75
CA LEU A 354 10.13 11.86 -6.74
C LEU A 354 11.12 11.96 -5.59
N VAL A 355 11.51 10.81 -5.05
CA VAL A 355 12.53 10.76 -3.97
C VAL A 355 13.72 11.60 -4.40
N GLU A 356 14.15 11.40 -5.64
CA GLU A 356 15.34 12.11 -6.06
C GLU A 356 15.08 13.61 -6.20
N ARG A 357 13.90 13.97 -6.71
CA ARG A 357 13.56 15.39 -6.79
C ARG A 357 13.54 16.03 -5.40
N LEU A 358 12.94 15.35 -4.43
CA LEU A 358 12.80 15.93 -3.10
C LEU A 358 14.14 15.99 -2.38
N GLN A 359 14.99 15.00 -2.61
CA GLN A 359 16.32 14.95 -1.97
C GLN A 359 17.20 16.07 -2.52
N GLU A 360 17.17 16.32 -3.82
CA GLU A 360 17.92 17.45 -4.44
C GLU A 360 17.42 18.76 -3.86
N GLU A 361 16.10 18.93 -3.81
CA GLU A 361 15.54 20.18 -3.25
C GLU A 361 16.04 20.36 -1.83
N LYS A 362 16.07 19.29 -1.05
CA LYS A 362 16.49 19.36 0.37
C LYS A 362 17.97 19.76 0.44
N ARG A 363 18.79 19.25 -0.46
CA ARG A 363 20.23 19.61 -0.51
C ARG A 363 20.36 21.12 -0.77
N ILE A 364 19.72 21.65 -1.81
CA ILE A 364 19.74 23.10 -2.16
C ILE A 364 19.20 23.94 -0.99
N GLU A 365 18.24 23.42 -0.23
CA GLU A 365 17.69 24.15 0.93
C GLU A 365 18.63 24.06 2.15
N ALA A 366 19.62 23.20 2.10
CA ALA A 366 20.49 22.99 3.28
C ALA A 366 21.70 23.91 3.28
N GLN A 367 22.24 24.28 2.12
CA GLN A 367 23.53 25.03 2.10
C GLN A 367 23.30 26.55 2.22
N THR B 25 -6.92 -30.53 -10.38
CA THR B 25 -6.37 -30.23 -9.06
C THR B 25 -6.77 -28.77 -8.80
N GLY B 26 -7.23 -28.14 -9.89
CA GLY B 26 -7.50 -26.73 -9.99
C GLY B 26 -6.34 -25.82 -10.35
N TYR B 27 -5.09 -26.31 -10.37
CA TYR B 27 -3.94 -25.54 -10.83
C TYR B 27 -3.38 -26.20 -12.09
N VAL B 28 -2.77 -25.42 -12.99
CA VAL B 28 -2.33 -26.08 -14.21
C VAL B 28 -0.80 -26.10 -14.22
N GLY B 29 -0.25 -27.03 -15.00
CA GLY B 29 1.19 -27.23 -15.10
C GLY B 29 1.80 -26.42 -16.23
N LEU B 30 3.10 -26.66 -16.45
CA LEU B 30 3.84 -25.99 -17.50
C LEU B 30 4.39 -27.05 -18.45
N LYS B 31 4.52 -26.72 -19.73
CA LYS B 31 4.92 -27.77 -20.68
C LYS B 31 6.29 -28.32 -20.34
N ASN B 32 6.52 -29.55 -20.77
CA ASN B 32 7.76 -30.25 -20.54
C ASN B 32 8.79 -30.04 -21.64
N GLN B 33 8.47 -29.21 -22.63
CA GLN B 33 9.31 -29.16 -23.84
C GLN B 33 10.71 -28.66 -23.46
N GLY B 34 11.73 -29.20 -24.13
CA GLY B 34 13.09 -28.76 -23.96
C GLY B 34 13.73 -29.22 -22.65
N ALA B 35 14.71 -28.44 -22.18
CA ALA B 35 15.39 -28.73 -20.93
C ALA B 35 15.66 -27.40 -20.23
N THR B 36 14.63 -26.83 -19.60
CA THR B 36 14.78 -25.57 -18.90
C THR B 36 14.97 -25.75 -17.40
N CYS B 37 15.15 -26.99 -16.94
CA CYS B 37 15.76 -27.25 -15.65
C CYS B 37 14.88 -26.76 -14.50
N TYR B 38 15.40 -25.84 -13.69
CA TYR B 38 14.69 -25.31 -12.54
C TYR B 38 13.67 -24.24 -12.90
N MET B 39 13.50 -23.92 -14.18
CA MET B 39 12.71 -22.75 -14.56
C MET B 39 11.24 -22.90 -14.23
N ASN B 40 10.63 -24.03 -14.64
CA ASN B 40 9.21 -24.22 -14.37
C ASN B 40 8.93 -24.15 -12.87
N SER B 41 9.82 -24.74 -12.07
CA SER B 41 9.70 -24.67 -10.62
C SER B 41 9.68 -23.23 -10.14
N LEU B 42 10.55 -22.38 -10.68
CA LEU B 42 10.58 -20.98 -10.25
C LEU B 42 9.36 -20.22 -10.77
N LEU B 43 8.88 -20.54 -11.98
CA LEU B 43 7.73 -19.84 -12.51
C LEU B 43 6.49 -20.09 -11.66
N GLN B 44 6.31 -21.32 -11.18
CA GLN B 44 5.17 -21.61 -10.32
C GLN B 44 5.29 -20.86 -9.00
N THR B 45 6.50 -20.82 -8.45
CA THR B 45 6.75 -20.07 -7.22
C THR B 45 6.39 -18.59 -7.36
N LEU B 46 6.76 -17.97 -8.49
CA LEU B 46 6.44 -16.56 -8.70
C LEU B 46 4.96 -16.36 -9.00
N PHE B 47 4.36 -17.28 -9.79
CA PHE B 47 2.94 -17.18 -10.11
C PHE B 47 2.08 -17.09 -8.86
N PHE B 48 2.39 -17.92 -7.85
CA PHE B 48 1.63 -17.97 -6.62
C PHE B 48 2.13 -16.98 -5.58
N THR B 49 2.98 -16.05 -5.96
CA THR B 49 3.22 -14.85 -5.17
C THR B 49 2.19 -13.84 -5.68
N ASN B 50 0.96 -13.99 -5.17
CA ASN B 50 -0.20 -13.34 -5.78
C ASN B 50 0.01 -11.84 -5.94
N GLN B 51 0.52 -11.19 -4.89
CA GLN B 51 0.74 -9.75 -4.97
C GLN B 51 1.68 -9.40 -6.12
N LEU B 52 2.66 -10.26 -6.43
CA LEU B 52 3.52 -9.99 -7.58
C LEU B 52 2.77 -10.22 -8.88
N ARG B 53 2.03 -11.33 -8.98
CA ARG B 53 1.27 -11.63 -10.18
C ARG B 53 0.33 -10.48 -10.52
N LYS B 54 -0.32 -9.91 -9.51
CA LYS B 54 -1.24 -8.81 -9.75
C LYS B 54 -0.50 -7.60 -10.32
N ALA B 55 0.69 -7.29 -9.79
CA ALA B 55 1.42 -6.15 -10.34
C ALA B 55 1.94 -6.43 -11.74
N VAL B 56 2.32 -7.68 -12.05
CA VAL B 56 2.77 -8.00 -13.40
C VAL B 56 1.65 -7.76 -14.41
N TYR B 57 0.43 -8.20 -14.06
CA TYR B 57 -0.72 -7.93 -14.92
C TYR B 57 -0.91 -6.44 -15.15
N MET B 58 -0.59 -5.60 -14.15
N MET B 58 -0.58 -5.65 -14.16
CA MET B 58 -0.79 -4.15 -14.26
CA MET B 58 -0.91 -4.26 -14.29
C MET B 58 0.23 -3.46 -15.15
C MET B 58 0.18 -3.47 -15.06
N MET B 59 1.37 -4.07 -15.36
CA MET B 59 2.41 -3.45 -16.20
C MET B 59 1.93 -3.01 -17.57
N PRO B 60 2.16 -1.72 -17.96
CA PRO B 60 1.70 -1.17 -19.22
C PRO B 60 2.61 -1.71 -20.30
N THR B 61 2.19 -2.76 -20.95
CA THR B 61 3.01 -3.39 -21.99
C THR B 61 2.41 -3.13 -23.37
N GLU B 62 3.23 -3.29 -24.39
CA GLU B 62 2.78 -3.15 -25.79
C GLU B 62 3.72 -4.00 -26.64
N GLY B 63 3.13 -4.86 -27.45
CA GLY B 63 3.88 -5.76 -28.34
C GLY B 63 2.91 -6.69 -29.06
N ASP B 64 3.14 -6.95 -30.35
CA ASP B 64 2.28 -7.92 -31.06
C ASP B 64 2.79 -9.35 -30.84
N ASP B 65 3.93 -9.49 -30.18
CA ASP B 65 4.43 -10.86 -29.88
C ASP B 65 4.89 -10.89 -28.41
N SER B 66 4.65 -12.00 -27.71
CA SER B 66 4.98 -11.99 -26.28
C SER B 66 6.46 -12.23 -26.03
N SER B 67 7.18 -12.72 -27.03
CA SER B 67 8.61 -12.98 -26.97
C SER B 67 9.42 -11.71 -27.14
N LYS B 68 8.77 -10.59 -27.44
CA LYS B 68 9.51 -9.32 -27.66
C LYS B 68 10.13 -8.84 -26.35
N SER B 69 9.49 -9.10 -25.21
CA SER B 69 10.00 -8.59 -23.93
C SER B 69 9.67 -9.56 -22.82
N VAL B 70 10.56 -9.67 -21.83
CA VAL B 70 10.27 -10.46 -20.65
C VAL B 70 8.98 -10.06 -19.95
N PRO B 71 8.71 -8.75 -19.73
CA PRO B 71 7.43 -8.39 -19.09
C PRO B 71 6.20 -8.93 -19.82
N LEU B 72 6.15 -8.76 -21.16
CA LEU B 72 5.02 -9.29 -21.98
C LEU B 72 4.95 -10.81 -21.79
N ALA B 73 6.10 -11.48 -21.89
CA ALA B 73 6.15 -12.95 -21.84
C ALA B 73 5.72 -13.50 -20.49
N LEU B 74 6.17 -12.86 -19.41
CA LEU B 74 5.75 -13.27 -18.04
C LEU B 74 4.26 -13.02 -17.88
N GLN B 75 3.76 -11.89 -18.40
CA GLN B 75 2.31 -11.60 -18.34
C GLN B 75 1.55 -12.77 -18.97
N ARG B 76 1.96 -13.18 -20.18
CA ARG B 76 1.30 -14.30 -20.89
C ARG B 76 1.37 -15.57 -20.03
N VAL B 77 2.57 -15.94 -19.58
CA VAL B 77 2.76 -17.16 -18.73
C VAL B 77 1.77 -17.11 -17.56
N PHE B 78 1.77 -16.02 -16.78
CA PHE B 78 0.89 -15.93 -15.61
C PHE B 78 -0.58 -15.98 -16.00
N TYR B 79 -0.97 -15.25 -17.06
CA TYR B 79 -2.37 -15.25 -17.47
C TYR B 79 -2.83 -16.64 -17.83
N GLU B 80 -2.00 -17.38 -18.57
CA GLU B 80 -2.38 -18.68 -19.04
C GLU B 80 -2.33 -19.71 -17.91
N LEU B 81 -1.40 -19.58 -16.97
CA LEU B 81 -1.43 -20.40 -15.76
C LEU B 81 -2.73 -20.19 -14.98
N GLN B 82 -3.26 -18.98 -15.01
CA GLN B 82 -4.48 -18.68 -14.28
C GLN B 82 -5.73 -19.08 -15.04
N HIS B 83 -5.64 -19.21 -16.35
CA HIS B 83 -6.83 -19.42 -17.15
C HIS B 83 -6.84 -20.73 -17.94
N SER B 84 -5.69 -21.30 -18.28
CA SER B 84 -5.68 -22.44 -19.20
C SER B 84 -6.04 -23.75 -18.51
N ASP B 85 -6.70 -24.63 -19.28
CA ASP B 85 -6.96 -26.01 -18.91
C ASP B 85 -5.81 -26.94 -19.32
N LYS B 86 -4.95 -26.41 -20.18
CA LYS B 86 -3.82 -27.19 -20.73
C LYS B 86 -2.49 -26.62 -20.23
N PRO B 87 -1.41 -27.44 -20.16
CA PRO B 87 -0.08 -27.02 -19.75
C PRO B 87 0.36 -25.81 -20.56
N VAL B 88 1.08 -24.93 -19.89
CA VAL B 88 1.31 -23.59 -20.36
C VAL B 88 2.70 -23.53 -20.97
N GLY B 89 2.82 -22.95 -22.17
CA GLY B 89 4.09 -22.89 -22.84
C GLY B 89 5.01 -21.81 -22.28
N THR B 90 6.31 -22.02 -22.46
CA THR B 90 7.31 -21.06 -22.03
C THR B 90 8.25 -20.63 -23.15
N LYS B 91 7.95 -21.00 -24.40
CA LYS B 91 8.89 -20.69 -25.48
C LYS B 91 9.09 -19.21 -25.62
N LYS B 92 8.01 -18.43 -25.60
CA LYS B 92 8.20 -17.01 -25.80
C LYS B 92 8.96 -16.39 -24.64
N LEU B 93 8.77 -16.92 -23.43
CA LEU B 93 9.52 -16.41 -22.29
C LEU B 93 11.02 -16.71 -22.41
N THR B 94 11.39 -17.95 -22.70
CA THR B 94 12.81 -18.25 -22.79
C THR B 94 13.47 -17.51 -23.95
N LYS B 95 12.75 -17.32 -25.06
CA LYS B 95 13.30 -16.47 -26.12
C LYS B 95 13.50 -15.04 -25.60
N SER B 96 12.56 -14.55 -24.79
CA SER B 96 12.62 -13.15 -24.37
C SER B 96 13.85 -12.85 -23.51
N PHE B 97 14.32 -13.80 -22.68
CA PHE B 97 15.56 -13.54 -21.95
C PHE B 97 16.75 -14.35 -22.45
N GLY B 98 16.55 -15.19 -23.46
CA GLY B 98 17.65 -15.76 -24.21
C GLY B 98 18.39 -16.92 -23.58
N TRP B 99 17.84 -17.58 -22.57
CA TRP B 99 18.46 -18.81 -22.08
C TRP B 99 17.91 -19.95 -22.90
N GLU B 100 18.63 -20.37 -23.94
CA GLU B 100 18.07 -21.30 -24.90
C GLU B 100 18.83 -22.61 -25.01
N THR B 101 19.76 -22.87 -24.09
CA THR B 101 20.52 -24.11 -24.08
C THR B 101 20.53 -24.70 -22.69
N LEU B 102 20.84 -25.99 -22.59
CA LEU B 102 21.12 -26.52 -21.27
C LEU B 102 22.25 -25.75 -20.63
N ASP B 103 23.24 -25.36 -21.44
CA ASP B 103 24.42 -24.64 -20.91
C ASP B 103 23.98 -23.37 -20.16
N SER B 104 22.97 -22.64 -20.66
CA SER B 104 22.63 -21.38 -20.04
C SER B 104 21.98 -21.57 -18.66
N PHE B 105 21.33 -22.71 -18.40
CA PHE B 105 20.84 -22.97 -17.03
C PHE B 105 21.89 -23.62 -16.13
N MET B 106 22.74 -24.49 -16.68
CA MET B 106 23.74 -25.14 -15.83
C MET B 106 24.80 -24.16 -15.35
N GLN B 107 24.98 -23.03 -16.01
CA GLN B 107 26.00 -22.08 -15.62
C GLN B 107 25.49 -21.03 -14.63
N HIS B 108 24.29 -21.21 -14.07
CA HIS B 108 23.69 -20.25 -13.16
C HIS B 108 23.09 -20.97 -11.94
N ASP B 109 23.10 -20.28 -10.80
CA ASP B 109 22.32 -20.68 -9.63
C ASP B 109 20.87 -20.23 -9.82
N VAL B 110 19.94 -20.86 -9.10
CA VAL B 110 18.54 -20.55 -9.36
C VAL B 110 18.23 -19.08 -9.08
N GLN B 111 18.90 -18.47 -8.08
CA GLN B 111 18.58 -17.08 -7.79
C GLN B 111 19.03 -16.13 -8.89
N GLU B 112 20.03 -16.51 -9.69
CA GLU B 112 20.45 -15.63 -10.78
C GLU B 112 19.39 -15.56 -11.86
N LEU B 113 18.67 -16.66 -12.10
CA LEU B 113 17.52 -16.61 -12.99
C LEU B 113 16.41 -15.77 -12.38
N CYS B 114 16.14 -15.94 -11.09
CA CYS B 114 15.14 -15.10 -10.43
C CYS B 114 15.46 -13.63 -10.59
N ARG B 115 16.71 -13.25 -10.31
CA ARG B 115 17.11 -11.84 -10.36
C ARG B 115 16.96 -11.27 -11.76
N VAL B 116 17.48 -11.98 -12.74
CA VAL B 116 17.30 -11.66 -14.16
C VAL B 116 15.85 -11.35 -14.53
N LEU B 117 14.93 -12.27 -14.21
CA LEU B 117 13.51 -12.03 -14.42
C LEU B 117 13.04 -10.80 -13.64
N LEU B 118 13.21 -10.82 -12.32
CA LEU B 118 12.64 -9.75 -11.50
C LEU B 118 13.30 -8.41 -11.78
N ASP B 119 14.62 -8.41 -12.00
CA ASP B 119 15.29 -7.15 -12.27
C ASP B 119 14.70 -6.50 -13.51
N ASN B 120 14.42 -7.32 -14.54
CA ASN B 120 13.84 -6.80 -15.80
C ASN B 120 12.46 -6.20 -15.51
N VAL B 121 11.60 -6.96 -14.82
CA VAL B 121 10.27 -6.51 -14.51
C VAL B 121 10.28 -5.28 -13.58
N GLU B 122 11.15 -5.29 -12.58
CA GLU B 122 11.28 -4.15 -11.68
C GLU B 122 11.56 -2.86 -12.44
N ASN B 123 12.52 -2.89 -13.36
CA ASN B 123 12.82 -1.70 -14.14
C ASN B 123 11.62 -1.30 -15.02
N LYS B 124 10.97 -2.29 -15.64
CA LYS B 124 9.75 -2.00 -16.44
C LYS B 124 8.72 -1.28 -15.57
N MET B 125 8.59 -1.65 -14.29
CA MET B 125 7.54 -1.07 -13.48
C MET B 125 7.84 0.35 -13.04
N LYS B 126 9.09 0.79 -13.16
CA LYS B 126 9.37 2.17 -12.81
C LYS B 126 8.52 3.09 -13.69
N GLY B 127 7.96 4.12 -13.06
CA GLY B 127 6.99 5.00 -13.70
C GLY B 127 5.60 4.45 -13.89
N THR B 128 5.23 3.37 -13.22
CA THR B 128 3.87 2.87 -13.28
C THR B 128 3.24 2.91 -11.91
N CYS B 129 1.93 2.65 -11.87
CA CYS B 129 1.20 2.58 -10.61
C CYS B 129 1.65 1.41 -9.75
N VAL B 130 2.56 0.56 -10.24
CA VAL B 130 3.07 -0.55 -9.45
C VAL B 130 4.59 -0.51 -9.28
N GLU B 131 5.22 0.63 -9.61
CA GLU B 131 6.64 0.82 -9.26
C GLU B 131 6.85 0.46 -7.80
N GLY B 132 7.93 -0.27 -7.52
CA GLY B 132 8.27 -0.62 -6.17
C GLY B 132 7.71 -1.93 -5.67
N THR B 133 6.89 -2.62 -6.48
CA THR B 133 6.30 -3.88 -6.04
C THR B 133 7.36 -4.93 -5.73
N ILE B 134 8.37 -5.04 -6.60
CA ILE B 134 9.40 -6.08 -6.46
C ILE B 134 10.17 -5.85 -5.17
N PRO B 135 10.78 -4.68 -4.93
CA PRO B 135 11.48 -4.49 -3.64
C PRO B 135 10.56 -4.59 -2.43
N LYS B 136 9.31 -4.13 -2.54
CA LYS B 136 8.35 -4.23 -1.45
C LYS B 136 8.20 -5.68 -0.98
N LEU B 137 8.12 -6.63 -1.92
CA LEU B 137 7.91 -8.01 -1.56
C LEU B 137 9.20 -8.71 -1.18
N PHE B 138 10.32 -8.40 -1.85
CA PHE B 138 11.49 -9.26 -1.76
C PHE B 138 12.73 -8.62 -1.15
N ARG B 139 12.76 -7.31 -0.97
CA ARG B 139 14.01 -6.64 -0.60
C ARG B 139 14.11 -6.51 0.92
N GLY B 140 15.18 -7.08 1.48
CA GLY B 140 15.54 -6.87 2.86
C GLY B 140 16.82 -6.06 2.98
N LYS B 141 17.09 -5.61 4.20
CA LYS B 141 18.24 -4.76 4.48
C LYS B 141 19.17 -5.44 5.48
N MET B 142 20.47 -5.29 5.24
CA MET B 142 21.49 -6.04 5.94
C MET B 142 22.68 -5.12 6.20
N VAL B 143 23.47 -5.43 7.23
CA VAL B 143 24.70 -4.68 7.48
C VAL B 143 25.84 -5.65 7.63
N SER B 144 26.92 -5.36 6.94
CA SER B 144 28.16 -6.03 7.22
C SER B 144 29.15 -5.01 7.75
N TYR B 145 29.99 -5.50 8.62
CA TYR B 145 30.93 -4.68 9.35
C TYR B 145 32.21 -5.47 9.42
N ILE B 146 33.31 -4.74 9.47
CA ILE B 146 34.60 -5.32 9.77
C ILE B 146 35.21 -4.45 10.86
N GLN B 147 35.44 -5.04 12.02
CA GLN B 147 35.97 -4.27 13.18
C GLN B 147 37.36 -4.80 13.56
N CYS B 148 38.35 -3.92 13.51
CA CYS B 148 39.74 -4.28 13.88
C CYS B 148 39.86 -4.41 15.41
N LYS B 149 40.56 -5.43 15.88
CA LYS B 149 40.64 -5.73 17.34
C LYS B 149 41.74 -4.91 18.06
N GLU B 150 42.82 -4.57 17.37
CA GLU B 150 43.97 -3.88 18.01
C GLU B 150 44.04 -2.40 17.61
N VAL B 151 43.28 -1.97 16.60
CA VAL B 151 43.25 -0.53 16.23
C VAL B 151 41.81 0.00 16.21
N ASP B 152 41.65 1.30 16.40
CA ASP B 152 40.32 1.96 16.37
C ASP B 152 39.90 2.15 14.91
N TYR B 153 39.62 1.06 14.21
CA TYR B 153 39.12 1.17 12.82
C TYR B 153 37.95 0.20 12.63
N ARG B 154 36.90 0.72 11.99
CA ARG B 154 35.71 -0.11 11.71
C ARG B 154 34.97 0.44 10.51
N SER B 155 34.70 -0.42 9.54
CA SER B 155 33.79 -0.12 8.43
C SER B 155 32.46 -0.83 8.60
N ASP B 156 31.34 -0.08 8.63
CA ASP B 156 29.99 -0.62 8.48
C ASP B 156 29.52 -0.25 7.06
N ARG B 157 28.69 -1.13 6.49
CA ARG B 157 28.19 -0.92 5.11
C ARG B 157 26.78 -1.49 4.96
N ARG B 158 25.83 -0.68 4.48
CA ARG B 158 24.43 -1.17 4.26
C ARG B 158 24.36 -1.95 2.94
N GLU B 159 23.59 -3.03 2.92
CA GLU B 159 23.52 -3.91 1.72
C GLU B 159 22.10 -4.48 1.61
N ASP B 160 21.40 -4.18 0.50
CA ASP B 160 20.08 -4.74 0.31
C ASP B 160 20.25 -6.12 -0.31
N TYR B 161 19.27 -6.99 -0.08
CA TYR B 161 19.28 -8.32 -0.68
C TYR B 161 17.86 -8.64 -1.12
N TYR B 162 17.77 -9.54 -2.10
CA TYR B 162 16.51 -10.04 -2.60
C TYR B 162 16.33 -11.53 -2.34
N ASP B 163 17.44 -12.15 -1.91
CA ASP B 163 17.45 -13.59 -1.61
C ASP B 163 18.61 -13.86 -0.65
N ILE B 164 18.62 -15.01 0.00
CA ILE B 164 19.65 -15.42 0.95
C ILE B 164 20.23 -16.73 0.44
N GLN B 165 21.56 -16.80 0.29
CA GLN B 165 22.22 -18.06 -0.03
C GLN B 165 22.73 -18.65 1.28
N LEU B 166 22.14 -19.76 1.69
CA LEU B 166 22.41 -20.37 2.99
C LEU B 166 23.35 -21.55 2.80
N SER B 167 24.36 -21.66 3.66
CA SER B 167 25.29 -22.82 3.63
C SER B 167 24.63 -24.04 4.27
N ILE B 168 24.76 -25.22 3.66
CA ILE B 168 24.06 -26.45 4.14
C ILE B 168 25.10 -27.43 4.71
N LYS B 169 26.34 -27.40 4.22
CA LYS B 169 27.38 -28.35 4.61
C LYS B 169 27.75 -28.19 6.08
N GLY B 170 27.53 -29.28 6.84
CA GLY B 170 27.78 -29.31 8.27
C GLY B 170 26.66 -28.77 9.12
N LYS B 171 25.56 -28.33 8.51
CA LYS B 171 24.41 -27.80 9.25
C LYS B 171 23.30 -28.81 9.19
N LYS B 172 22.76 -29.13 10.36
CA LYS B 172 21.69 -30.11 10.46
C LYS B 172 20.37 -29.53 9.98
N ASN B 173 20.18 -28.23 10.11
CA ASN B 173 18.88 -27.63 9.82
C ASN B 173 19.09 -26.15 9.51
N ILE B 174 18.01 -25.50 9.13
CA ILE B 174 18.07 -24.13 8.66
C ILE B 174 18.37 -23.17 9.80
N PHE B 175 18.00 -23.53 11.02
CA PHE B 175 18.35 -22.72 12.18
C PHE B 175 19.86 -22.53 12.26
N GLU B 176 20.60 -23.61 12.05
CA GLU B 176 22.05 -23.55 12.09
C GLU B 176 22.64 -22.83 10.89
N SER B 177 22.00 -22.94 9.71
CA SER B 177 22.47 -22.14 8.59
C SER B 177 22.42 -20.66 8.90
N PHE B 178 21.32 -20.21 9.52
CA PHE B 178 21.23 -18.79 9.86
C PHE B 178 22.23 -18.44 10.95
N VAL B 179 22.38 -19.31 11.94
CA VAL B 179 23.42 -19.14 12.95
C VAL B 179 24.77 -18.97 12.27
N ASP B 180 25.14 -19.91 11.39
CA ASP B 180 26.36 -19.77 10.60
C ASP B 180 26.40 -18.47 9.83
N TYR B 181 25.28 -18.10 9.20
CA TYR B 181 25.27 -16.94 8.31
C TYR B 181 25.63 -15.66 9.05
N VAL B 182 25.16 -15.51 10.28
CA VAL B 182 25.44 -14.31 11.05
C VAL B 182 26.63 -14.45 11.98
N ALA B 183 27.34 -15.57 11.94
CA ALA B 183 28.41 -15.76 12.89
C ALA B 183 29.53 -14.76 12.61
N VAL B 184 30.22 -14.31 13.66
CA VAL B 184 31.36 -13.44 13.44
C VAL B 184 32.48 -14.28 12.85
N GLU B 185 33.11 -13.78 11.77
CA GLU B 185 34.22 -14.50 11.16
C GLU B 185 35.53 -13.90 11.62
N GLN B 186 36.47 -14.77 12.02
CA GLN B 186 37.79 -14.37 12.49
C GLN B 186 38.70 -14.04 11.32
N LEU B 187 39.22 -12.81 11.25
CA LEU B 187 40.20 -12.45 10.17
C LEU B 187 41.60 -12.38 10.78
N ASP B 188 42.39 -13.45 10.63
CA ASP B 188 43.75 -13.49 11.25
C ASP B 188 44.80 -13.98 10.24
N GLY B 189 46.10 -13.92 10.57
CA GLY B 189 47.23 -14.33 9.70
C GLY B 189 46.91 -15.06 8.39
N ASP B 190 47.35 -14.51 7.25
CA ASP B 190 47.12 -15.12 5.90
C ASP B 190 45.65 -14.85 5.56
N ASN B 191 44.98 -14.02 6.36
CA ASN B 191 43.55 -13.63 6.14
C ASN B 191 43.28 -12.41 7.02
N LYS B 192 44.31 -11.73 7.55
CA LYS B 192 44.08 -10.47 8.24
C LYS B 192 43.29 -9.53 7.35
N TYR B 193 42.58 -8.60 7.97
CA TYR B 193 41.93 -7.55 7.21
C TYR B 193 42.97 -6.59 6.63
N ASP B 194 42.83 -6.24 5.36
CA ASP B 194 43.65 -5.17 4.82
C ASP B 194 42.95 -3.85 5.12
N ALA B 195 43.44 -3.12 6.12
CA ALA B 195 42.80 -1.87 6.52
C ALA B 195 43.43 -0.64 5.86
N GLY B 196 44.00 -0.79 4.67
CA GLY B 196 44.43 0.39 3.93
C GLY B 196 45.59 1.08 4.61
N GLU B 197 45.44 2.39 4.80
CA GLU B 197 46.46 3.16 5.49
C GLU B 197 46.75 2.59 6.89
N HIS B 198 45.75 2.03 7.57
CA HIS B 198 46.01 1.45 8.89
C HIS B 198 46.72 0.12 8.85
N GLY B 199 47.06 -0.38 7.65
CA GLY B 199 47.84 -1.64 7.53
C GLY B 199 47.04 -2.91 7.67
N LEU B 200 47.66 -4.06 7.40
CA LEU B 200 46.98 -5.38 7.58
C LEU B 200 46.70 -5.57 9.08
N GLN B 201 45.43 -5.78 9.46
CA GLN B 201 45.09 -5.83 10.91
C GLN B 201 44.14 -6.97 11.28
N GLU B 202 44.41 -7.68 12.38
CA GLU B 202 43.52 -8.69 12.92
C GLU B 202 42.15 -8.09 13.18
N ALA B 203 41.09 -8.76 12.72
CA ALA B 203 39.75 -8.19 12.73
C ALA B 203 38.66 -9.26 12.85
N GLU B 204 37.44 -8.80 13.14
CA GLU B 204 36.21 -9.58 13.13
C GLU B 204 35.28 -9.02 12.07
N LYS B 205 34.66 -9.90 11.27
CA LYS B 205 33.69 -9.54 10.23
C LYS B 205 32.40 -10.28 10.44
N GLY B 206 31.26 -9.64 10.19
CA GLY B 206 29.99 -10.38 10.31
C GLY B 206 28.83 -9.77 9.56
N VAL B 207 27.61 -10.27 9.80
CA VAL B 207 26.38 -9.77 9.10
C VAL B 207 25.27 -9.55 10.14
N LYS B 208 24.66 -8.36 10.13
CA LYS B 208 23.51 -8.10 11.05
C LYS B 208 22.25 -7.79 10.22
N PHE B 209 21.26 -8.69 10.28
CA PHE B 209 20.00 -8.48 9.53
C PHE B 209 19.22 -7.31 10.12
N LEU B 210 18.97 -6.27 9.33
CA LEU B 210 18.14 -5.17 9.81
C LEU B 210 16.66 -5.42 9.55
N THR B 211 16.31 -5.88 8.35
CA THR B 211 14.94 -6.23 8.00
C THR B 211 14.95 -7.54 7.23
N LEU B 212 13.83 -8.23 7.29
CA LEU B 212 13.57 -9.41 6.50
C LEU B 212 12.31 -9.20 5.69
N PRO B 213 12.31 -9.53 4.39
CA PRO B 213 11.20 -9.13 3.52
C PRO B 213 9.98 -9.90 3.70
N PRO B 214 8.82 -9.45 3.19
CA PRO B 214 7.58 -10.21 3.22
C PRO B 214 7.72 -11.59 2.59
N VAL B 215 8.43 -11.69 1.47
CA VAL B 215 8.62 -12.96 0.77
C VAL B 215 10.11 -13.28 0.79
N LEU B 216 10.45 -14.41 1.39
CA LEU B 216 11.82 -14.77 1.72
C LEU B 216 12.26 -15.92 0.83
N HIS B 217 13.21 -15.62 -0.07
CA HIS B 217 13.80 -16.61 -0.97
C HIS B 217 15.11 -17.09 -0.38
N LEU B 218 15.19 -18.36 -0.05
CA LEU B 218 16.35 -18.95 0.61
C LEU B 218 16.90 -20.06 -0.27
N GLN B 219 18.05 -19.83 -0.89
CA GLN B 219 18.71 -20.91 -1.61
C GLN B 219 19.53 -21.74 -0.64
N LEU B 220 19.44 -23.06 -0.81
CA LEU B 220 20.18 -24.02 -0.01
C LEU B 220 21.35 -24.49 -0.87
N MET B 221 22.57 -24.10 -0.51
CA MET B 221 23.71 -24.23 -1.43
C MET B 221 24.20 -25.67 -1.50
N ARG B 222 23.39 -26.50 -2.14
CA ARG B 222 23.76 -27.91 -2.24
C ARG B 222 24.72 -28.20 -3.38
N PHE B 223 24.79 -27.34 -4.40
CA PHE B 223 25.58 -27.62 -5.59
C PHE B 223 26.85 -26.78 -5.58
N MET B 224 28.01 -27.38 -5.85
CA MET B 224 29.23 -26.53 -5.92
C MET B 224 30.27 -27.12 -6.86
N TYR B 225 31.24 -26.29 -7.27
CA TYR B 225 32.34 -26.82 -8.12
C TYR B 225 33.39 -27.43 -7.18
N ASP B 226 33.82 -28.65 -7.46
CA ASP B 226 34.88 -29.27 -6.67
C ASP B 226 36.19 -29.19 -7.43
N PRO B 227 37.06 -28.30 -7.04
CA PRO B 227 38.42 -28.20 -7.56
C PRO B 227 39.11 -29.55 -7.73
N GLN B 228 39.11 -30.31 -6.63
CA GLN B 228 39.82 -31.57 -6.57
C GLN B 228 39.48 -32.52 -7.70
N THR B 229 38.25 -32.51 -8.18
CA THR B 229 37.91 -33.48 -9.20
C THR B 229 37.53 -32.79 -10.49
N ASP B 230 37.70 -31.48 -10.53
CA ASP B 230 37.33 -30.60 -11.63
C ASP B 230 35.94 -30.91 -12.18
N GLN B 231 34.97 -31.04 -11.26
CA GLN B 231 33.56 -31.30 -11.69
C GLN B 231 32.59 -30.66 -10.70
N ASN B 232 31.36 -30.39 -11.14
CA ASN B 232 30.33 -29.84 -10.22
C ASN B 232 29.73 -31.00 -9.40
N ILE B 233 29.90 -30.98 -8.08
CA ILE B 233 29.39 -32.08 -7.21
C ILE B 233 28.06 -31.66 -6.55
N LYS B 234 27.42 -32.61 -5.86
CA LYS B 234 26.13 -32.32 -5.17
C LYS B 234 26.19 -32.84 -3.74
N ILE B 235 25.75 -32.03 -2.77
CA ILE B 235 25.72 -32.43 -1.36
C ILE B 235 24.32 -32.90 -1.02
N ASN B 236 24.17 -34.19 -0.73
CA ASN B 236 22.88 -34.77 -0.43
C ASN B 236 22.66 -34.99 1.07
N ASP B 237 23.48 -34.33 1.90
CA ASP B 237 23.35 -34.42 3.35
C ASP B 237 21.96 -34.00 3.80
N ARG B 238 21.50 -34.61 4.88
CA ARG B 238 20.20 -34.24 5.42
C ARG B 238 20.21 -32.80 5.92
N PHE B 239 19.13 -32.07 5.64
CA PHE B 239 19.02 -30.68 6.05
C PHE B 239 17.54 -30.37 6.30
N GLU B 240 17.18 -30.14 7.56
CA GLU B 240 15.79 -30.04 7.96
C GLU B 240 15.33 -28.59 8.01
N PHE B 241 14.09 -28.35 7.62
CA PHE B 241 13.54 -27.01 7.69
C PHE B 241 12.10 -27.11 8.12
N PRO B 242 11.62 -26.15 8.90
CA PRO B 242 10.29 -26.25 9.46
C PRO B 242 9.23 -25.58 8.60
N GLU B 243 8.00 -26.01 8.85
CA GLU B 243 6.82 -25.33 8.35
C GLU B 243 6.74 -23.88 8.82
N GLN B 244 7.03 -23.65 10.12
CA GLN B 244 7.13 -22.32 10.70
C GLN B 244 8.56 -22.03 11.08
N LEU B 245 9.03 -20.84 10.68
CA LEU B 245 10.42 -20.49 10.85
C LEU B 245 10.49 -19.09 11.49
N PRO B 246 10.68 -19.07 12.83
CA PRO B 246 10.88 -17.77 13.50
C PRO B 246 12.30 -17.28 13.27
N LEU B 247 12.41 -16.01 12.89
CA LEU B 247 13.70 -15.42 12.58
C LEU B 247 13.99 -14.20 13.42
N ASP B 248 13.18 -13.89 14.44
CA ASP B 248 13.48 -12.73 15.26
C ASP B 248 14.86 -12.78 15.87
N GLU B 249 15.31 -13.99 16.24
CA GLU B 249 16.62 -14.08 16.87
C GLU B 249 17.75 -13.57 15.97
N PHE B 250 17.52 -13.49 14.66
CA PHE B 250 18.58 -13.05 13.76
C PHE B 250 18.48 -11.58 13.38
N LEU B 251 17.54 -10.83 13.97
CA LEU B 251 17.41 -9.41 13.70
C LEU B 251 18.21 -8.58 14.68
N GLN B 252 18.69 -7.42 14.22
CA GLN B 252 19.40 -6.50 15.14
C GLN B 252 18.38 -5.99 16.18
N LYS B 253 17.20 -5.57 15.72
CA LYS B 253 16.12 -5.10 16.64
C LYS B 253 14.81 -5.78 16.24
N THR B 254 13.97 -6.14 17.22
CA THR B 254 12.72 -6.89 16.92
C THR B 254 11.47 -6.09 17.30
N ASP B 255 10.34 -6.33 16.61
CA ASP B 255 9.07 -5.63 16.92
C ASP B 255 8.00 -6.70 17.22
N PRO B 256 7.40 -6.75 18.43
CA PRO B 256 6.41 -7.78 18.81
C PRO B 256 5.10 -7.67 18.02
N LYS B 257 4.77 -6.47 17.52
CA LYS B 257 3.56 -6.29 16.69
C LYS B 257 3.76 -6.99 15.34
N ASP B 258 5.01 -7.05 14.86
CA ASP B 258 5.33 -7.75 13.59
C ASP B 258 6.46 -8.76 13.85
N PRO B 259 6.21 -9.95 14.44
CA PRO B 259 7.26 -10.93 14.60
C PRO B 259 7.75 -11.43 13.25
N ALA B 260 9.06 -11.68 13.17
CA ALA B 260 9.65 -12.31 11.99
C ALA B 260 9.39 -13.82 12.04
N ASN B 261 8.10 -14.17 12.00
CA ASN B 261 7.66 -15.56 11.98
C ASN B 261 7.23 -15.90 10.55
N TYR B 262 7.94 -16.84 9.94
CA TYR B 262 7.81 -17.09 8.50
C TYR B 262 7.14 -18.43 8.23
N ILE B 263 6.24 -18.44 7.24
CA ILE B 263 5.42 -19.59 6.91
C ILE B 263 5.90 -20.21 5.61
N LEU B 264 6.15 -21.51 5.63
CA LEU B 264 6.68 -22.18 4.44
C LEU B 264 5.66 -22.18 3.32
N HIS B 265 6.07 -21.67 2.16
CA HIS B 265 5.21 -21.55 0.99
C HIS B 265 5.59 -22.50 -0.13
N ALA B 266 6.88 -22.63 -0.44
CA ALA B 266 7.34 -23.43 -1.55
C ALA B 266 8.61 -24.18 -1.18
N VAL B 267 8.75 -25.37 -1.76
CA VAL B 267 9.93 -26.20 -1.61
C VAL B 267 10.33 -26.61 -3.02
N LEU B 268 11.47 -26.10 -3.50
CA LEU B 268 11.96 -26.46 -4.82
C LEU B 268 12.95 -27.61 -4.67
N VAL B 269 12.71 -28.68 -5.39
CA VAL B 269 13.36 -29.96 -5.14
C VAL B 269 14.10 -30.39 -6.40
N HIS B 270 15.30 -30.94 -6.20
CA HIS B 270 16.05 -31.57 -7.27
C HIS B 270 16.37 -32.99 -6.87
N SER B 271 16.27 -33.88 -7.84
CA SER B 271 16.55 -35.29 -7.64
C SER B 271 17.53 -35.69 -8.72
N GLY B 272 18.61 -36.37 -8.36
CA GLY B 272 19.51 -36.78 -9.43
C GLY B 272 20.96 -36.47 -9.14
N ASP B 273 21.80 -36.53 -10.19
CA ASP B 273 23.26 -36.44 -10.05
C ASP B 273 23.87 -35.79 -11.30
N ASN B 274 25.22 -35.86 -11.43
CA ASN B 274 25.78 -35.32 -12.69
C ASN B 274 25.37 -36.16 -13.91
N HIS B 275 24.56 -37.22 -13.79
CA HIS B 275 24.14 -37.99 -14.97
C HIS B 275 22.78 -37.60 -15.56
N GLY B 276 22.01 -36.74 -14.88
CA GLY B 276 20.66 -36.35 -15.27
C GLY B 276 19.91 -35.84 -14.05
N GLY B 277 19.00 -34.86 -14.18
CA GLY B 277 18.32 -34.32 -13.02
C GLY B 277 16.83 -34.13 -13.25
N HIS B 278 16.10 -34.16 -12.14
CA HIS B 278 14.64 -34.00 -12.15
C HIS B 278 14.29 -32.86 -11.20
N TYR B 279 13.57 -31.84 -11.69
CA TYR B 279 13.21 -30.70 -10.86
C TYR B 279 11.69 -30.66 -10.67
N VAL B 280 11.26 -30.50 -9.42
CA VAL B 280 9.85 -30.30 -9.11
C VAL B 280 9.75 -29.25 -8.01
N VAL B 281 8.57 -28.65 -7.88
CA VAL B 281 8.32 -27.74 -6.77
C VAL B 281 7.03 -28.15 -6.07
N TYR B 282 7.06 -28.11 -4.74
CA TYR B 282 5.89 -28.26 -3.90
C TYR B 282 5.45 -26.90 -3.42
N LEU B 283 4.14 -26.69 -3.38
CA LEU B 283 3.60 -25.38 -2.97
C LEU B 283 2.27 -25.53 -2.24
N ASN B 284 2.06 -24.80 -1.15
CA ASN B 284 0.71 -24.72 -0.50
C ASN B 284 0.32 -23.32 -0.96
N PRO B 285 -0.29 -23.15 -2.15
CA PRO B 285 -0.39 -21.79 -2.76
C PRO B 285 -1.13 -20.80 -1.92
N LYS B 286 -2.14 -21.28 -1.17
CA LYS B 286 -2.98 -20.37 -0.34
C LYS B 286 -2.39 -20.22 1.07
N GLY B 287 -1.15 -20.69 1.29
CA GLY B 287 -0.53 -20.63 2.63
C GLY B 287 -1.43 -21.25 3.68
N ASP B 288 -2.16 -22.31 3.32
CA ASP B 288 -3.09 -22.96 4.24
C ASP B 288 -2.68 -24.38 4.57
N GLY B 289 -1.53 -24.82 4.05
CA GLY B 289 -1.02 -26.18 4.33
C GLY B 289 -1.50 -27.22 3.34
N LYS B 290 -2.33 -26.84 2.36
CA LYS B 290 -2.77 -27.78 1.29
C LYS B 290 -1.68 -27.86 0.22
N TRP B 291 -0.74 -28.78 0.38
CA TRP B 291 0.43 -28.85 -0.55
C TRP B 291 0.07 -29.47 -1.90
N CYS B 292 0.82 -29.13 -2.94
CA CYS B 292 0.57 -29.65 -4.31
C CYS B 292 1.92 -29.79 -5.03
N LYS B 293 2.19 -30.95 -5.65
CA LYS B 293 3.50 -31.13 -6.31
C LYS B 293 3.35 -30.76 -7.78
N PHE B 294 4.16 -29.83 -8.27
CA PHE B 294 4.13 -29.37 -9.65
C PHE B 294 5.31 -29.98 -10.38
N ASP B 295 5.02 -30.83 -11.34
CA ASP B 295 6.04 -31.63 -12.00
C ASP B 295 5.84 -31.42 -13.50
N ASP B 296 6.28 -30.26 -13.99
CA ASP B 296 6.01 -29.77 -15.33
C ASP B 296 4.51 -29.71 -15.59
N ASP B 297 3.99 -30.64 -16.40
CA ASP B 297 2.58 -30.60 -16.76
C ASP B 297 1.68 -31.34 -15.78
N VAL B 298 2.25 -32.13 -14.86
CA VAL B 298 1.49 -32.93 -13.91
C VAL B 298 1.47 -32.19 -12.58
N VAL B 299 0.30 -31.73 -12.17
CA VAL B 299 0.07 -31.15 -10.85
C VAL B 299 -0.77 -32.16 -10.05
N SER B 300 -0.35 -32.46 -8.82
CA SER B 300 -1.17 -33.35 -8.01
C SER B 300 -1.17 -32.90 -6.55
N ARG B 301 -2.24 -33.27 -5.83
CA ARG B 301 -2.28 -33.06 -4.39
C ARG B 301 -1.24 -33.95 -3.74
N CYS B 302 -0.59 -33.47 -2.68
CA CYS B 302 0.32 -34.34 -1.97
C CYS B 302 0.17 -34.14 -0.46
N THR B 303 0.84 -34.99 0.31
CA THR B 303 0.82 -34.85 1.75
C THR B 303 1.86 -33.80 2.17
N LYS B 304 1.72 -33.30 3.40
CA LYS B 304 2.74 -32.40 3.94
C LYS B 304 4.09 -33.09 4.04
N GLU B 305 4.09 -34.34 4.48
CA GLU B 305 5.34 -35.05 4.65
C GLU B 305 6.08 -35.17 3.33
N GLU B 306 5.35 -35.33 2.21
CA GLU B 306 6.04 -35.39 0.92
C GLU B 306 6.59 -34.01 0.53
N ALA B 307 5.87 -32.93 0.84
CA ALA B 307 6.38 -31.60 0.52
C ALA B 307 7.58 -31.21 1.38
N ILE B 308 7.60 -31.65 2.64
CA ILE B 308 8.59 -31.18 3.60
C ILE B 308 9.57 -32.29 3.97
N GLU B 309 9.19 -33.14 4.92
CA GLU B 309 10.17 -34.09 5.47
C GLU B 309 10.76 -35.02 4.41
N HIS B 310 9.98 -35.44 3.39
CA HIS B 310 10.63 -36.25 2.35
C HIS B 310 11.67 -35.46 1.54
N ASN B 311 11.78 -34.13 1.72
CA ASN B 311 12.78 -33.36 0.99
C ASN B 311 13.92 -32.91 1.88
N TYR B 312 14.02 -33.52 3.05
CA TYR B 312 15.12 -33.22 3.96
C TYR B 312 16.45 -33.79 3.45
N GLY B 313 16.43 -34.85 2.65
CA GLY B 313 17.69 -35.40 2.17
C GLY B 313 18.32 -36.36 3.16
N GLY B 314 19.60 -36.62 2.96
CA GLY B 314 20.28 -37.72 3.62
C GLY B 314 20.40 -38.86 2.62
N CYS B 324 18.68 -39.20 -3.43
CA CYS B 324 19.37 -37.99 -3.88
C CYS B 324 18.35 -36.91 -4.25
N THR B 325 17.16 -37.05 -3.65
CA THR B 325 16.01 -36.15 -3.79
C THR B 325 15.95 -35.25 -2.55
N ASN B 326 16.02 -33.93 -2.73
CA ASN B 326 16.01 -33.00 -1.60
C ASN B 326 15.86 -31.57 -2.11
N ALA B 327 15.61 -30.64 -1.18
CA ALA B 327 15.35 -29.24 -1.51
C ALA B 327 16.65 -28.49 -1.81
N TYR B 328 16.60 -27.55 -2.77
CA TYR B 328 17.69 -26.62 -3.02
C TYR B 328 17.27 -25.17 -2.85
N MET B 329 15.98 -24.90 -2.68
CA MET B 329 15.48 -23.56 -2.45
C MET B 329 14.15 -23.63 -1.71
N LEU B 330 13.96 -22.72 -0.75
CA LEU B 330 12.72 -22.59 0.00
C LEU B 330 12.16 -21.19 -0.17
N VAL B 331 10.83 -21.08 -0.17
CA VAL B 331 10.17 -19.79 -0.06
C VAL B 331 9.31 -19.78 1.20
N TYR B 332 9.52 -18.77 2.02
CA TYR B 332 8.69 -18.50 3.17
C TYR B 332 8.01 -17.14 2.98
N ILE B 333 6.86 -16.98 3.62
CA ILE B 333 6.17 -15.70 3.64
C ILE B 333 5.95 -15.32 5.10
N ARG B 334 6.13 -14.03 5.39
CA ARG B 334 6.00 -13.57 6.77
C ARG B 334 4.56 -13.69 7.20
N GLU B 335 4.32 -14.30 8.37
CA GLU B 335 2.92 -14.56 8.83
C GLU B 335 2.06 -13.30 8.75
N SER B 336 2.56 -12.17 9.24
CA SER B 336 1.77 -10.90 9.26
C SER B 336 1.55 -10.36 7.84
N LYS B 337 2.20 -10.97 6.83
CA LYS B 337 2.08 -10.49 5.43
C LYS B 337 1.33 -11.52 4.59
N LEU B 338 1.12 -12.73 5.10
CA LEU B 338 0.44 -13.83 4.36
C LEU B 338 -0.77 -13.28 3.59
N SER B 339 -1.73 -12.69 4.28
CA SER B 339 -2.98 -12.21 3.63
C SER B 339 -2.68 -11.29 2.44
N GLU B 340 -1.80 -10.30 2.61
CA GLU B 340 -1.58 -9.38 1.53
C GLU B 340 -0.78 -10.01 0.41
N VAL B 341 0.27 -10.76 0.75
CA VAL B 341 1.04 -11.41 -0.30
C VAL B 341 0.18 -12.40 -1.08
N LEU B 342 -0.77 -13.08 -0.43
CA LEU B 342 -1.59 -14.12 -1.09
C LEU B 342 -3.02 -13.58 -1.37
N GLN B 343 -3.12 -12.27 -1.57
CA GLN B 343 -4.42 -11.61 -1.87
C GLN B 343 -5.02 -12.20 -3.14
N ALA B 344 -6.34 -12.32 -3.19
CA ALA B 344 -7.01 -12.89 -4.38
C ALA B 344 -6.64 -12.11 -5.62
N VAL B 345 -6.51 -12.81 -6.74
CA VAL B 345 -6.24 -12.17 -8.05
C VAL B 345 -7.35 -12.70 -8.97
N THR B 346 -8.31 -11.83 -9.29
CA THR B 346 -9.38 -12.26 -10.17
C THR B 346 -9.26 -11.59 -11.51
N ASP B 347 -10.22 -11.95 -12.37
CA ASP B 347 -10.34 -11.35 -13.67
C ASP B 347 -10.46 -9.83 -13.57
N HIS B 348 -11.11 -9.34 -12.51
CA HIS B 348 -11.28 -7.90 -12.35
C HIS B 348 -9.95 -7.18 -12.20
N ASP B 349 -8.89 -7.92 -11.87
CA ASP B 349 -7.56 -7.38 -11.68
C ASP B 349 -6.71 -7.33 -12.94
N ILE B 350 -7.17 -7.94 -14.03
CA ILE B 350 -6.38 -7.99 -15.26
C ILE B 350 -6.88 -6.87 -16.18
N PRO B 351 -6.04 -5.88 -16.61
CA PRO B 351 -6.50 -4.86 -17.57
C PRO B 351 -7.05 -5.41 -18.88
N GLN B 352 -8.07 -4.75 -19.43
CA GLN B 352 -8.69 -5.20 -20.72
C GLN B 352 -7.63 -5.17 -21.83
N GLN B 353 -6.72 -4.19 -21.83
CA GLN B 353 -5.63 -4.14 -22.83
C GLN B 353 -4.90 -5.49 -22.84
N LEU B 354 -4.40 -5.94 -21.69
CA LEU B 354 -3.70 -7.25 -21.59
C LEU B 354 -4.62 -8.36 -22.11
N VAL B 355 -5.85 -8.44 -21.60
CA VAL B 355 -6.83 -9.48 -22.06
C VAL B 355 -6.90 -9.47 -23.59
N GLU B 356 -7.12 -8.29 -24.20
CA GLU B 356 -7.24 -8.18 -25.68
C GLU B 356 -5.92 -8.54 -26.37
N ARG B 357 -4.80 -7.99 -25.88
CA ARG B 357 -3.45 -8.29 -26.46
C ARG B 357 -3.27 -9.81 -26.51
N LEU B 358 -3.61 -10.50 -25.42
CA LEU B 358 -3.47 -11.95 -25.40
C LEU B 358 -4.53 -12.63 -26.27
N GLN B 359 -5.77 -12.12 -26.24
CA GLN B 359 -6.86 -12.71 -27.07
C GLN B 359 -6.51 -12.54 -28.54
N GLU B 360 -5.62 -11.59 -28.86
CA GLU B 360 -5.25 -11.32 -30.27
C GLU B 360 -4.32 -12.43 -30.79
N GLU B 361 -3.29 -12.79 -30.03
CA GLU B 361 -2.27 -13.75 -30.53
C GLU B 361 -2.70 -15.22 -30.42
N LYS B 362 -3.72 -15.50 -29.59
CA LYS B 362 -4.22 -16.89 -29.40
C LYS B 362 -5.74 -16.90 -29.56
N PHE C 2 -20.18 38.55 3.90
CA PHE C 2 -19.44 39.70 3.46
C PHE C 2 -19.33 40.49 4.73
N VAL C 3 -18.39 40.05 5.55
CA VAL C 3 -18.18 40.59 6.88
C VAL C 3 -16.71 40.95 7.02
N THR C 4 -16.42 41.77 8.03
CA THR C 4 -15.06 42.07 8.42
C THR C 4 -14.54 40.87 9.20
N TYR C 7 -12.75 35.64 12.86
CA TYR C 7 -12.06 34.35 12.90
C TYR C 7 -13.04 33.19 12.73
N LEU C 8 -14.25 33.49 12.30
CA LEU C 8 -15.25 32.48 11.95
C LEU C 8 -15.24 32.34 10.44
N VAL C 10 -16.72 31.54 6.88
CA VAL C 10 -17.91 31.22 6.12
C VAL C 10 -17.63 31.46 4.66
N SER C 11 -17.87 30.45 3.84
CA SER C 11 -17.83 30.61 2.41
C SER C 11 -18.60 31.82 1.94
N ARG C 13 -19.87 31.91 -0.78
CA ARG C 13 -20.94 31.36 -1.60
C ARG C 13 -22.14 31.09 -0.70
N ARG C 14 -21.96 31.26 0.61
CA ARG C 14 -23.05 31.19 1.57
C ARG C 14 -23.36 32.55 2.21
N CYS C 15 -22.92 33.66 1.58
CA CYS C 15 -23.07 34.99 2.16
C CYS C 15 -24.07 35.89 1.44
N GLY C 16 -24.64 35.48 0.32
CA GLY C 16 -25.53 36.31 -0.47
C GLY C 16 -26.97 36.27 0.00
N PHE D 2 6.38 -14.56 21.19
CA PHE D 2 6.97 -13.34 20.67
C PHE D 2 6.60 -12.21 21.61
N VAL D 3 7.33 -12.14 22.74
CA VAL D 3 6.99 -11.24 23.83
C VAL D 3 8.23 -10.45 24.21
N THR D 4 7.98 -9.32 24.84
CA THR D 4 9.07 -8.51 25.35
C THR D 4 9.53 -9.22 26.64
N TYR D 7 11.21 -12.80 31.94
CA TYR D 7 12.14 -13.68 32.66
C TYR D 7 11.86 -15.17 32.55
N LEU D 8 10.92 -15.48 31.66
CA LEU D 8 10.45 -16.83 31.42
C LEU D 8 10.87 -17.20 30.03
N VAL D 10 10.66 -19.04 26.61
CA VAL D 10 9.94 -19.92 25.72
C VAL D 10 10.51 -19.81 24.32
N SER D 11 10.89 -20.96 23.76
CA SER D 11 11.34 -21.02 22.38
C SER D 11 10.37 -20.33 21.44
N ARG D 13 9.95 -21.16 18.62
CA ARG D 13 9.32 -22.19 17.81
C ARG D 13 8.04 -22.70 18.49
N ARG D 14 7.83 -22.31 19.75
CA ARG D 14 6.59 -22.63 20.44
C ARG D 14 5.72 -21.40 20.65
N CYS D 15 5.95 -20.35 19.86
CA CYS D 15 5.25 -19.09 20.00
C CYS D 15 4.29 -18.80 18.85
N GLY D 16 4.03 -19.78 17.99
CA GLY D 16 3.20 -19.58 16.80
C GLY D 16 1.72 -19.78 17.05
#